data_1RYS
#
_entry.id   1RYS
#
_cell.length_a   98.732
_cell.length_b   102.290
_cell.length_c   106.069
_cell.angle_alpha   90.00
_cell.angle_beta   90.00
_cell.angle_gamma   90.00
#
_symmetry.space_group_name_H-M   'P 21 21 21'
#
loop_
_entity.id
_entity.type
_entity.pdbx_description
1 polymer "5'-D(*GP*GP*GP*GP*AP*AP*GP*GP*AP*TP*TP*CP*A)-3'"
2 polymer "5'-D(*TP*CP*TP*TP*TP*GP*AP*AP*TP*CP*CP*TP*TP*CP*CP*CP*CP*C)-3'"
3 polymer 'DNA polymerase IV'
4 non-polymer 'CALCIUM ION'
5 non-polymer 'SODIUM ION'
6 non-polymer 1,2-ETHANEDIOL
7 non-polymer "ADENOSINE-5'-TRIPHOSPHATE"
8 water water
#
loop_
_entity_poly.entity_id
_entity_poly.type
_entity_poly.pdbx_seq_one_letter_code
_entity_poly.pdbx_strand_id
1 'polydeoxyribonucleotide' (DG)(DG)(DG)(DG)(DA)(DA)(DG)(DG)(DA)(DT)(DT)(DC)(DA) C,E
2 'polydeoxyribonucleotide' (DT)(DC)(DT)(DT)(DT)(DG)(DA)(DA)(DT)(DC)(DC)(DT)(DT)(DC)(DC)(DC)(DC)(DC) D,F
3 'polypeptide(L)'
;MIVLFVDFDYFYAQVEEVLNPSLKGKPVVVCVFSGRFEDSGAVATANYEARKFGVKAGIPIVEAKKILPNAVYLPMRKEV
YQQVSSRIMNLLREYSEKIEIASIDEAYLDISDKVRDYREAYNLGLEIKNKILEKEKITVTVGISKNKVFAKIAADMAKP
NGIKVIDDEEVKRLIRELDIADVPGIGNITAEKLKKLGINKLVDTLSIEFDKLKGMIGEAKAKYLISLARDEYNEPIRTR
VRKSIGRIVTMKRNSRNLEEIKPYLFRAIEESYYKLDKRIPKAIHVVAVTEDLDIVSRGRTFPHGISKETAYSESVKLLQ
KILEEDERKIRRIGVRFSKFIEAIGLDKFFDT
;
A,B
#
loop_
_chem_comp.id
_chem_comp.type
_chem_comp.name
_chem_comp.formula
ATP non-polymer ADENOSINE-5'-TRIPHOSPHATE 'C10 H16 N5 O13 P3'
CA non-polymer 'CALCIUM ION' 'Ca 2'
DA DNA linking 2'-DEOXYADENOSINE-5'-MONOPHOSPHATE 'C10 H14 N5 O6 P'
DC DNA linking 2'-DEOXYCYTIDINE-5'-MONOPHOSPHATE 'C9 H14 N3 O7 P'
DG DNA linking 2'-DEOXYGUANOSINE-5'-MONOPHOSPHATE 'C10 H14 N5 O7 P'
DT DNA linking THYMIDINE-5'-MONOPHOSPHATE 'C10 H15 N2 O8 P'
EDO non-polymer 1,2-ETHANEDIOL 'C2 H6 O2'
NA non-polymer 'SODIUM ION' 'Na 1'
#
# COMPACT_ATOMS: atom_id res chain seq x y z
N MET E 1 7.09 16.18 30.65
CA MET E 1 7.65 16.73 29.39
C MET E 1 7.17 18.15 29.23
N ILE E 2 7.73 18.86 28.27
CA ILE E 2 7.33 20.24 28.01
C ILE E 2 6.88 20.33 26.55
N VAL E 3 5.65 20.79 26.36
CA VAL E 3 5.06 20.92 25.03
C VAL E 3 4.85 22.40 24.68
N LEU E 4 5.20 22.79 23.46
CA LEU E 4 5.00 24.15 23.01
C LEU E 4 4.13 24.04 21.76
N PHE E 5 2.92 24.62 21.86
CA PHE E 5 1.92 24.58 20.78
C PHE E 5 1.84 25.95 20.08
N VAL E 6 1.80 25.94 18.76
CA VAL E 6 1.72 27.19 18.01
C VAL E 6 0.41 27.25 17.24
N ASP E 7 -0.31 28.35 17.35
CA ASP E 7 -1.61 28.49 16.68
C ASP E 7 -1.58 29.80 15.88
N PHE E 8 -1.63 29.72 14.55
CA PHE E 8 -1.57 30.96 13.76
C PHE E 8 -2.85 31.77 13.95
N ASP E 9 -2.75 33.07 14.19
CA ASP E 9 -3.93 33.89 14.45
C ASP E 9 -4.80 34.18 13.22
N TYR E 10 -6.12 33.99 13.35
CA TYR E 10 -7.10 34.22 12.27
C TYR E 10 -6.38 34.04 10.92
N PHE E 11 -5.74 32.89 10.79
CA PHE E 11 -4.86 32.61 9.66
C PHE E 11 -5.21 33.01 8.24
N TYR E 12 -6.31 32.52 7.69
CA TYR E 12 -6.65 32.86 6.32
C TYR E 12 -6.76 34.36 6.13
N ALA E 13 -7.45 35.02 7.05
CA ALA E 13 -7.62 36.45 6.92
C ALA E 13 -6.29 37.16 7.16
N GLN E 14 -5.44 36.62 8.04
CA GLN E 14 -4.15 37.29 8.27
C GLN E 14 -3.28 37.20 7.02
N VAL E 15 -3.28 36.06 6.34
CA VAL E 15 -2.48 35.93 5.14
C VAL E 15 -2.94 36.99 4.11
N GLU E 16 -4.25 37.20 3.99
CA GLU E 16 -4.76 38.17 3.01
C GLU E 16 -4.27 39.57 3.40
N GLU E 17 -4.12 39.81 4.71
CA GLU E 17 -3.62 41.12 5.16
C GLU E 17 -2.13 41.20 4.81
N VAL E 18 -1.42 40.10 4.94
CA VAL E 18 0.01 40.10 4.63
C VAL E 18 0.22 40.37 3.15
N LEU E 19 -0.63 39.77 2.31
CA LEU E 19 -0.52 39.98 0.87
C LEU E 19 -1.02 41.37 0.43
N ASN E 20 -1.84 42.01 1.27
CA ASN E 20 -2.39 43.34 0.97
C ASN E 20 -2.45 44.13 2.29
N PRO E 21 -1.29 44.65 2.72
CA PRO E 21 -1.11 45.43 3.94
C PRO E 21 -2.12 46.53 4.25
N SER E 22 -2.69 47.15 3.23
CA SER E 22 -3.65 48.21 3.48
C SER E 22 -4.96 47.69 4.09
N LEU E 23 -5.10 46.36 4.14
CA LEU E 23 -6.31 45.77 4.72
C LEU E 23 -6.22 45.78 6.25
N LYS E 24 -5.01 45.88 6.77
CA LYS E 24 -4.86 45.84 8.22
C LYS E 24 -5.68 46.89 8.94
N GLY E 25 -6.36 46.47 10.01
CA GLY E 25 -7.18 47.42 10.75
C GLY E 25 -8.59 47.48 10.20
N LYS E 26 -8.81 46.92 9.02
CA LYS E 26 -10.15 46.92 8.45
C LYS E 26 -10.77 45.55 8.69
N PRO E 27 -12.11 45.46 8.77
CA PRO E 27 -12.70 44.13 8.98
C PRO E 27 -12.50 43.34 7.66
N VAL E 28 -11.93 42.14 7.75
CA VAL E 28 -11.67 41.29 6.58
C VAL E 28 -12.34 39.94 6.81
N VAL E 29 -13.12 39.51 5.82
CA VAL E 29 -13.88 38.27 5.94
C VAL E 29 -13.60 37.32 4.78
N VAL E 30 -12.99 36.18 5.06
CA VAL E 30 -12.66 35.22 4.02
C VAL E 30 -13.86 34.33 3.88
N CYS E 31 -14.38 34.21 2.67
CA CYS E 31 -15.59 33.42 2.41
C CYS E 31 -15.46 32.22 1.48
N VAL E 32 -16.34 31.25 1.72
CA VAL E 32 -16.43 30.04 0.91
C VAL E 32 -17.76 30.09 0.17
N PHE E 33 -17.71 30.59 -1.05
CA PHE E 33 -18.88 30.71 -1.92
C PHE E 33 -19.30 29.35 -2.48
N SER E 34 -20.60 29.05 -2.43
CA SER E 34 -21.09 27.76 -2.90
C SER E 34 -21.71 27.69 -4.30
N GLY E 35 -22.10 28.83 -4.84
CA GLY E 35 -22.66 28.85 -6.18
C GLY E 35 -24.14 28.57 -6.38
N ARG E 36 -24.93 28.55 -5.31
CA ARG E 36 -26.37 28.31 -5.45
C ARG E 36 -27.16 29.60 -5.76
N PHE E 37 -26.59 30.74 -5.39
CA PHE E 37 -27.22 32.04 -5.64
C PHE E 37 -26.28 33.14 -5.16
N GLU E 38 -26.60 34.39 -5.47
CA GLU E 38 -25.76 35.52 -5.08
C GLU E 38 -25.36 35.51 -3.61
N ASP E 39 -24.05 35.40 -3.37
CA ASP E 39 -23.49 35.38 -2.02
C ASP E 39 -23.85 34.14 -1.20
N SER E 40 -24.22 33.04 -1.86
CA SER E 40 -24.56 31.83 -1.10
C SER E 40 -23.26 31.29 -0.54
N GLY E 41 -23.33 30.67 0.62
CA GLY E 41 -22.13 30.13 1.23
C GLY E 41 -21.92 30.71 2.62
N ALA E 42 -20.79 30.36 3.23
CA ALA E 42 -20.48 30.83 4.59
C ALA E 42 -19.08 31.45 4.74
N VAL E 43 -18.88 32.07 5.90
CA VAL E 43 -17.62 32.71 6.22
C VAL E 43 -16.68 31.61 6.66
N ALA E 44 -15.46 31.61 6.13
CA ALA E 44 -14.48 30.62 6.53
C ALA E 44 -13.79 31.19 7.79
N THR E 45 -13.42 32.46 7.75
CA THR E 45 -12.79 33.11 8.90
C THR E 45 -12.76 34.61 8.71
N ALA E 46 -12.71 35.34 9.82
CA ALA E 46 -12.68 36.78 9.74
C ALA E 46 -11.60 37.30 10.69
N ASN E 47 -11.05 38.48 10.43
CA ASN E 47 -10.04 38.96 11.36
C ASN E 47 -10.78 39.45 12.61
N TYR E 48 -10.04 39.87 13.63
CA TYR E 48 -10.73 40.28 14.84
C TYR E 48 -11.58 41.53 14.70
N GLU E 49 -11.19 42.42 13.78
CA GLU E 49 -11.95 43.63 13.54
C GLU E 49 -13.36 43.23 13.09
N ALA E 50 -13.47 42.11 12.41
CA ALA E 50 -14.79 41.68 11.94
C ALA E 50 -15.49 40.88 13.01
N ARG E 51 -14.73 40.02 13.70
CA ARG E 51 -15.32 39.20 14.77
C ARG E 51 -15.89 40.04 15.89
N LYS E 52 -15.30 41.21 16.13
CA LYS E 52 -15.72 42.15 17.16
C LYS E 52 -17.21 42.40 17.04
N PHE E 53 -17.70 42.36 15.81
CA PHE E 53 -19.10 42.64 15.52
C PHE E 53 -19.98 41.45 15.26
N GLY E 54 -19.46 40.25 15.49
CA GLY E 54 -20.28 39.07 15.28
C GLY E 54 -20.07 38.37 13.94
N VAL E 55 -19.24 38.94 13.09
CA VAL E 55 -18.98 38.29 11.79
C VAL E 55 -17.85 37.30 12.04
N LYS E 56 -18.21 36.03 12.04
CA LYS E 56 -17.23 35.00 12.32
C LYS E 56 -17.43 33.72 11.52
N ALA E 57 -16.48 32.79 11.69
CA ALA E 57 -16.51 31.52 11.00
C ALA E 57 -17.85 30.83 11.16
N GLY E 58 -18.42 30.42 10.04
CA GLY E 58 -19.69 29.72 10.11
C GLY E 58 -20.96 30.48 9.79
N ILE E 59 -20.97 31.80 9.92
CA ILE E 59 -22.21 32.52 9.61
C ILE E 59 -22.33 32.71 8.09
N PRO E 60 -23.57 32.69 7.59
CA PRO E 60 -23.84 32.86 6.15
C PRO E 60 -23.31 34.19 5.64
N ILE E 61 -22.72 34.18 4.45
CA ILE E 61 -22.19 35.41 3.88
C ILE E 61 -23.27 36.49 3.87
N VAL E 62 -24.49 36.10 3.49
CA VAL E 62 -25.61 37.04 3.44
C VAL E 62 -25.84 37.71 4.79
N GLU E 63 -25.71 36.94 5.86
CA GLU E 63 -25.87 37.47 7.21
C GLU E 63 -24.73 38.43 7.57
N ALA E 64 -23.50 37.99 7.33
CA ALA E 64 -22.34 38.81 7.59
C ALA E 64 -22.52 40.20 6.97
N LYS E 65 -22.94 40.22 5.71
CA LYS E 65 -23.12 41.48 5.01
C LYS E 65 -24.20 42.38 5.59
N LYS E 66 -25.13 41.79 6.34
CA LYS E 66 -26.17 42.58 6.98
C LYS E 66 -25.58 43.25 8.22
N ILE E 67 -24.60 42.59 8.83
CA ILE E 67 -23.92 43.12 10.01
C ILE E 67 -22.84 44.12 9.62
N LEU E 68 -21.98 43.75 8.68
CA LEU E 68 -20.91 44.63 8.20
C LEU E 68 -20.95 44.72 6.68
N PRO E 69 -21.88 45.52 6.13
CA PRO E 69 -21.96 45.64 4.66
C PRO E 69 -20.74 46.23 3.97
N ASN E 70 -19.94 47.01 4.70
CA ASN E 70 -18.77 47.64 4.11
C ASN E 70 -17.44 46.98 4.48
N ALA E 71 -17.50 45.72 4.88
CA ALA E 71 -16.31 44.97 5.22
C ALA E 71 -15.70 44.47 3.89
N VAL E 72 -14.45 44.02 3.93
CA VAL E 72 -13.79 43.50 2.74
C VAL E 72 -14.07 42.01 2.74
N TYR E 73 -14.75 41.58 1.70
CA TYR E 73 -15.11 40.17 1.54
C TYR E 73 -14.19 39.58 0.46
N LEU E 74 -13.48 38.52 0.83
CA LEU E 74 -12.54 37.85 -0.07
C LEU E 74 -12.81 36.37 -0.20
N PRO E 75 -12.62 35.81 -1.40
CA PRO E 75 -12.84 34.38 -1.64
C PRO E 75 -11.68 33.60 -1.01
N MET E 76 -11.97 32.39 -0.54
CA MET E 76 -10.95 31.59 0.08
C MET E 76 -9.92 31.13 -0.95
N ARG E 77 -8.64 31.38 -0.68
CA ARG E 77 -7.55 30.94 -1.59
C ARG E 77 -6.72 29.98 -0.77
N LYS E 78 -7.24 28.79 -0.58
CA LYS E 78 -6.62 27.75 0.23
C LYS E 78 -5.17 27.43 -0.15
N GLU E 79 -4.89 27.41 -1.44
CA GLU E 79 -3.56 27.08 -1.94
C GLU E 79 -2.54 28.04 -1.40
N VAL E 80 -2.90 29.32 -1.43
CA VAL E 80 -2.00 30.34 -0.93
C VAL E 80 -1.75 30.13 0.54
N TYR E 81 -2.82 29.95 1.31
CA TYR E 81 -2.69 29.75 2.75
C TYR E 81 -1.85 28.51 3.05
N GLN E 82 -2.08 27.44 2.30
CA GLN E 82 -1.33 26.22 2.54
C GLN E 82 0.18 26.40 2.29
N GLN E 83 0.53 27.23 1.30
CA GLN E 83 1.94 27.43 1.01
C GLN E 83 2.60 28.30 2.09
N VAL E 84 1.90 29.32 2.57
CA VAL E 84 2.47 30.13 3.64
C VAL E 84 2.59 29.22 4.88
N SER E 85 1.55 28.43 5.14
CA SER E 85 1.57 27.53 6.29
C SER E 85 2.81 26.64 6.24
N SER E 86 3.00 25.97 5.09
CA SER E 86 4.14 25.09 4.92
C SER E 86 5.47 25.76 5.21
N ARG E 87 5.60 27.02 4.80
CA ARG E 87 6.84 27.73 5.08
C ARG E 87 6.96 27.99 6.57
N ILE E 88 5.85 28.30 7.25
CA ILE E 88 5.96 28.52 8.69
C ILE E 88 6.29 27.20 9.40
N MET E 89 5.68 26.10 8.97
CA MET E 89 5.92 24.82 9.62
C MET E 89 7.41 24.47 9.51
N ASN E 90 8.05 24.86 8.40
CA ASN E 90 9.47 24.57 8.25
C ASN E 90 10.27 25.38 9.25
N LEU E 91 9.86 26.62 9.51
CA LEU E 91 10.59 27.42 10.48
C LEU E 91 10.53 26.73 11.85
N LEU E 92 9.37 26.13 12.15
CA LEU E 92 9.18 25.45 13.42
C LEU E 92 10.03 24.20 13.58
N ARG E 93 10.30 23.50 12.49
CA ARG E 93 11.10 22.28 12.58
C ARG E 93 12.51 22.58 13.09
N GLU E 94 12.93 23.83 12.97
CA GLU E 94 14.25 24.24 13.41
C GLU E 94 14.36 24.33 14.93
N TYR E 95 13.22 24.29 15.61
CA TYR E 95 13.22 24.38 17.06
C TYR E 95 13.08 23.03 17.76
N SER E 96 12.64 22.02 17.01
CA SER E 96 12.49 20.69 17.58
C SER E 96 12.23 19.70 16.48
N GLU E 97 12.85 18.53 16.56
CA GLU E 97 12.65 17.50 15.55
C GLU E 97 11.36 16.73 15.87
N LYS E 98 10.86 16.88 17.09
CA LYS E 98 9.63 16.22 17.50
C LYS E 98 8.50 17.23 17.30
N ILE E 99 7.89 17.23 16.12
CA ILE E 99 6.83 18.16 15.83
C ILE E 99 5.60 17.47 15.24
N GLU E 100 4.43 17.89 15.69
CA GLU E 100 3.17 17.33 15.23
C GLU E 100 2.33 18.41 14.61
N ILE E 101 2.22 18.38 13.29
CA ILE E 101 1.41 19.35 12.59
C ILE E 101 -0.01 18.82 12.70
N ALA E 102 -0.85 19.52 13.45
CA ALA E 102 -2.22 19.08 13.65
C ALA E 102 -3.19 19.58 12.58
N SER E 103 -2.83 20.65 11.91
CA SER E 103 -3.69 21.22 10.88
C SER E 103 -2.94 22.34 10.16
N ILE E 104 -3.61 23.02 9.25
CA ILE E 104 -2.95 24.09 8.49
C ILE E 104 -2.43 25.26 9.34
N ASP E 105 -2.94 25.43 10.56
CA ASP E 105 -2.49 26.54 11.39
C ASP E 105 -2.17 26.15 12.81
N GLU E 106 -1.90 24.87 13.02
CA GLU E 106 -1.58 24.35 14.36
C GLU E 106 -0.46 23.31 14.36
N ALA E 107 0.44 23.40 15.33
CA ALA E 107 1.53 22.45 15.46
C ALA E 107 2.03 22.35 16.89
N TYR E 108 2.33 21.13 17.31
CA TYR E 108 2.84 20.86 18.65
C TYR E 108 4.30 20.49 18.55
N LEU E 109 5.13 21.10 19.39
CA LEU E 109 6.57 20.78 19.46
C LEU E 109 6.88 20.21 20.85
N ASP E 110 7.55 19.06 20.89
CA ASP E 110 7.94 18.51 22.19
C ASP E 110 9.33 19.13 22.40
N ILE E 111 9.42 20.10 23.30
CA ILE E 111 10.71 20.77 23.53
C ILE E 111 11.38 20.37 24.83
N SER E 112 11.00 19.21 25.35
CA SER E 112 11.55 18.69 26.61
C SER E 112 13.08 18.67 26.60
N ASP E 113 13.67 18.23 25.49
CA ASP E 113 15.12 18.16 25.36
C ASP E 113 15.76 19.49 24.95
N LYS E 114 14.95 20.54 24.79
CA LYS E 114 15.48 21.85 24.38
C LYS E 114 15.55 22.88 25.51
N VAL E 115 14.65 22.77 26.48
CA VAL E 115 14.64 23.72 27.58
C VAL E 115 14.61 22.98 28.90
N ARG E 116 14.99 23.67 29.98
CA ARG E 116 15.02 23.05 31.28
C ARG E 116 13.79 23.29 32.13
N ASP E 117 13.18 24.46 31.95
CA ASP E 117 11.99 24.78 32.73
C ASP E 117 11.05 25.63 31.90
N TYR E 118 9.94 26.05 32.50
CA TYR E 118 8.98 26.87 31.79
C TYR E 118 9.50 28.27 31.45
N ARG E 119 10.44 28.80 32.25
CA ARG E 119 10.98 30.13 31.97
C ARG E 119 11.67 30.10 30.62
N GLU E 120 12.52 29.11 30.42
CA GLU E 120 13.24 28.94 29.17
C GLU E 120 12.25 28.65 28.03
N ALA E 121 11.26 27.82 28.33
CA ALA E 121 10.22 27.47 27.36
C ALA E 121 9.58 28.77 26.88
N TYR E 122 9.22 29.63 27.81
CA TYR E 122 8.60 30.92 27.50
C TYR E 122 9.52 31.74 26.56
N ASN E 123 10.80 31.81 26.89
CA ASN E 123 11.73 32.54 26.07
C ASN E 123 11.86 31.91 24.69
N LEU E 124 11.77 30.60 24.63
CA LEU E 124 11.84 29.95 23.33
C LEU E 124 10.58 30.32 22.53
N GLY E 125 9.45 30.47 23.22
CA GLY E 125 8.21 30.84 22.56
C GLY E 125 8.31 32.24 21.97
N LEU E 126 8.90 33.17 22.71
CA LEU E 126 9.05 34.53 22.18
C LEU E 126 9.95 34.49 20.94
N GLU E 127 10.98 33.65 21.02
CA GLU E 127 11.92 33.52 19.92
C GLU E 127 11.18 33.01 18.68
N ILE E 128 10.33 32.00 18.88
CA ILE E 128 9.56 31.44 17.77
C ILE E 128 8.62 32.50 17.20
N LYS E 129 7.94 33.22 18.07
CA LYS E 129 7.03 34.27 17.61
C LYS E 129 7.76 35.33 16.80
N ASN E 130 8.93 35.78 17.30
CA ASN E 130 9.70 36.81 16.60
C ASN E 130 10.15 36.30 15.25
N LYS E 131 10.56 35.04 15.21
CA LYS E 131 11.03 34.43 13.98
C LYS E 131 9.96 34.37 12.89
N ILE E 132 8.76 33.92 13.24
CA ILE E 132 7.67 33.82 12.28
C ILE E 132 7.26 35.19 11.79
N LEU E 133 7.22 36.14 12.71
CA LEU E 133 6.84 37.51 12.37
C LEU E 133 7.90 38.11 11.44
N GLU E 134 9.16 37.85 11.74
CA GLU E 134 10.25 38.35 10.94
C GLU E 134 10.24 37.79 9.52
N LYS E 135 10.16 36.47 9.40
CA LYS E 135 10.18 35.82 8.09
C LYS E 135 8.92 35.86 7.26
N GLU E 136 7.76 35.77 7.91
CA GLU E 136 6.49 35.72 7.18
C GLU E 136 5.48 36.82 7.52
N LYS E 137 5.82 37.65 8.51
CA LYS E 137 4.95 38.75 8.90
C LYS E 137 3.61 38.25 9.50
N ILE E 138 3.63 37.02 10.00
CA ILE E 138 2.45 36.40 10.59
C ILE E 138 2.54 36.33 12.12
N THR E 139 1.50 36.77 12.82
CA THR E 139 1.47 36.66 14.29
C THR E 139 0.82 35.33 14.64
N VAL E 140 1.32 34.73 15.72
CA VAL E 140 0.82 33.46 16.22
C VAL E 140 0.62 33.53 17.74
N THR E 141 0.00 32.52 18.32
CA THR E 141 -0.18 32.50 19.76
C THR E 141 0.46 31.19 20.18
N VAL E 142 1.29 31.27 21.21
CA VAL E 142 2.01 30.13 21.74
C VAL E 142 1.45 29.69 23.08
N GLY E 143 1.24 28.40 23.24
CA GLY E 143 0.74 27.85 24.49
C GLY E 143 1.75 26.82 24.94
N ILE E 144 2.10 26.83 26.22
CA ILE E 144 3.11 25.92 26.76
C ILE E 144 2.63 25.20 28.03
N SER E 145 2.75 23.89 28.07
CA SER E 145 2.35 23.20 29.29
C SER E 145 2.94 21.81 29.34
N LYS E 146 2.43 20.97 30.25
CA LYS E 146 2.96 19.62 30.41
C LYS E 146 2.51 18.61 29.37
N ASN E 147 1.51 18.95 28.57
CA ASN E 147 1.06 18.02 27.56
C ASN E 147 0.31 18.76 26.48
N LYS E 148 -0.03 18.07 25.39
CA LYS E 148 -0.71 18.70 24.26
C LYS E 148 -2.03 19.38 24.59
N VAL E 149 -2.87 18.75 25.40
CA VAL E 149 -4.18 19.34 25.73
C VAL E 149 -4.03 20.69 26.44
N PHE E 150 -3.25 20.74 27.51
CA PHE E 150 -3.08 22.01 28.21
C PHE E 150 -2.22 23.02 27.43
N ALA E 151 -1.38 22.56 26.50
CA ALA E 151 -0.64 23.52 25.69
C ALA E 151 -1.66 24.21 24.77
N LYS E 152 -2.62 23.45 24.24
CA LYS E 152 -3.65 24.05 23.38
C LYS E 152 -4.54 24.99 24.19
N ILE E 153 -4.92 24.55 25.38
CA ILE E 153 -5.78 25.38 26.22
C ILE E 153 -5.04 26.68 26.50
N ALA E 154 -3.74 26.61 26.79
CA ALA E 154 -3.00 27.85 27.06
C ALA E 154 -3.14 28.83 25.89
N ALA E 155 -3.01 28.32 24.67
CA ALA E 155 -3.12 29.19 23.49
C ALA E 155 -4.54 29.74 23.37
N ASP E 156 -5.53 28.91 23.67
CA ASP E 156 -6.93 29.34 23.59
C ASP E 156 -7.13 30.53 24.54
N MET E 157 -6.46 30.49 25.67
CA MET E 157 -6.62 31.54 26.66
C MET E 157 -5.87 32.82 26.27
N ALA E 158 -4.77 32.68 25.53
CA ALA E 158 -3.97 33.82 25.15
C ALA E 158 -4.17 34.45 23.76
N LYS E 159 -4.82 33.75 22.83
CA LYS E 159 -4.97 34.30 21.49
C LYS E 159 -5.81 35.57 21.51
N PRO E 160 -5.58 36.50 20.55
CA PRO E 160 -4.58 36.48 19.49
C PRO E 160 -3.24 37.09 19.89
N ASN E 161 -2.19 36.74 19.15
CA ASN E 161 -0.83 37.26 19.36
C ASN E 161 -0.39 37.18 20.80
N GLY E 162 -0.54 36.00 21.41
CA GLY E 162 -0.16 35.85 22.80
C GLY E 162 0.81 34.73 23.03
N ILE E 163 1.10 34.50 24.31
CA ILE E 163 1.97 33.42 24.72
C ILE E 163 1.65 33.18 26.19
N LYS E 164 1.41 31.92 26.54
CA LYS E 164 1.06 31.61 27.91
C LYS E 164 1.56 30.26 28.34
N VAL E 165 1.98 30.18 29.59
CA VAL E 165 2.45 28.93 30.17
C VAL E 165 1.40 28.55 31.18
N ILE E 166 1.12 27.25 31.28
CA ILE E 166 0.18 26.75 32.27
C ILE E 166 1.03 25.77 33.08
N ASP E 167 1.60 26.24 34.20
CA ASP E 167 2.45 25.40 35.04
C ASP E 167 1.62 24.33 35.71
N ASP E 168 2.27 23.43 36.45
CA ASP E 168 1.56 22.35 37.10
C ASP E 168 0.46 22.79 38.08
N GLU E 169 0.68 23.88 38.79
CA GLU E 169 -0.34 24.34 39.71
C GLU E 169 -1.59 24.80 38.96
N GLU E 170 -1.39 25.56 37.88
CA GLU E 170 -2.54 26.04 37.12
C GLU E 170 -3.27 24.86 36.46
N VAL E 171 -2.55 23.80 36.12
CA VAL E 171 -3.22 22.64 35.54
C VAL E 171 -4.21 22.09 36.60
N LYS E 172 -3.76 21.96 37.84
CA LYS E 172 -4.64 21.45 38.90
C LYS E 172 -5.83 22.39 39.04
N ARG E 173 -5.58 23.69 39.01
CA ARG E 173 -6.68 24.64 39.12
C ARG E 173 -7.67 24.48 37.95
N LEU E 174 -7.15 24.36 36.73
CA LEU E 174 -8.02 24.22 35.57
C LEU E 174 -8.85 22.95 35.65
N ILE E 175 -8.25 21.86 36.12
CA ILE E 175 -8.99 20.61 36.26
C ILE E 175 -10.24 20.85 37.11
N ARG E 176 -10.21 21.85 37.99
CA ARG E 176 -11.35 22.12 38.85
C ARG E 176 -12.23 23.26 38.34
N GLU E 177 -11.63 24.26 37.73
CA GLU E 177 -12.42 25.41 37.30
C GLU E 177 -12.68 25.63 35.82
N LEU E 178 -12.02 24.86 34.94
CA LEU E 178 -12.23 25.07 33.51
C LEU E 178 -13.52 24.44 33.02
N ASP E 179 -14.30 25.20 32.26
CA ASP E 179 -15.55 24.67 31.70
C ASP E 179 -15.14 23.48 30.81
N ILE E 180 -15.70 22.31 31.09
CA ILE E 180 -15.34 21.12 30.35
C ILE E 180 -15.63 21.26 28.86
N ALA E 181 -16.53 22.16 28.50
CA ALA E 181 -16.86 22.37 27.11
C ALA E 181 -15.69 23.02 26.38
N ASP E 182 -14.74 23.55 27.13
CA ASP E 182 -13.56 24.18 26.54
C ASP E 182 -12.37 23.24 26.40
N VAL E 183 -12.57 21.96 26.72
CA VAL E 183 -11.51 20.97 26.59
C VAL E 183 -11.43 20.49 25.12
N PRO E 184 -10.22 20.51 24.53
CA PRO E 184 -10.03 20.07 23.14
C PRO E 184 -10.64 18.70 22.90
N GLY E 185 -11.34 18.55 21.78
CA GLY E 185 -11.98 17.30 21.44
C GLY E 185 -13.41 17.19 21.93
N ILE E 186 -13.83 18.13 22.77
CA ILE E 186 -15.19 18.10 23.28
C ILE E 186 -15.96 19.16 22.49
N GLY E 187 -16.67 18.72 21.44
CA GLY E 187 -17.47 19.65 20.66
C GLY E 187 -18.86 19.79 21.26
N ASN E 188 -19.73 20.52 20.56
CA ASN E 188 -21.11 20.77 21.00
C ASN E 188 -21.91 19.56 21.41
N ILE E 189 -21.84 18.51 20.60
CA ILE E 189 -22.60 17.31 20.90
C ILE E 189 -22.18 16.74 22.26
N THR E 190 -20.89 16.53 22.44
CA THR E 190 -20.41 15.98 23.70
C THR E 190 -20.66 16.93 24.87
N ALA E 191 -20.42 18.23 24.68
CA ALA E 191 -20.64 19.17 25.77
C ALA E 191 -22.08 19.09 26.32
N GLU E 192 -23.05 18.96 25.43
CA GLU E 192 -24.45 18.87 25.86
C GLU E 192 -24.73 17.55 26.58
N LYS E 193 -24.20 16.44 26.07
CA LYS E 193 -24.40 15.16 26.75
C LYS E 193 -23.83 15.23 28.16
N LEU E 194 -22.68 15.88 28.30
CA LEU E 194 -22.02 16.00 29.61
C LEU E 194 -22.85 16.88 30.53
N LYS E 195 -23.45 17.91 29.97
CA LYS E 195 -24.25 18.84 30.75
C LYS E 195 -25.48 18.14 31.35
N LYS E 196 -26.00 17.16 30.62
CA LYS E 196 -27.16 16.41 31.06
C LYS E 196 -26.85 15.40 32.16
N LEU E 197 -25.57 15.33 32.54
CA LEU E 197 -25.13 14.43 33.60
C LEU E 197 -24.65 15.29 34.75
N GLY E 198 -24.80 16.61 34.61
CA GLY E 198 -24.38 17.52 35.66
C GLY E 198 -22.88 17.71 35.71
N ILE E 199 -22.19 17.34 34.64
CA ILE E 199 -20.74 17.49 34.54
C ILE E 199 -20.41 18.81 33.84
N ASN E 200 -19.67 19.68 34.54
CA ASN E 200 -19.30 20.98 33.99
C ASN E 200 -17.80 21.24 34.07
N LYS E 201 -17.09 20.36 34.78
CA LYS E 201 -15.64 20.50 34.99
C LYS E 201 -14.98 19.14 34.92
N LEU E 202 -13.74 19.10 34.48
CA LEU E 202 -13.05 17.82 34.37
C LEU E 202 -13.18 17.03 35.68
N VAL E 203 -12.89 17.69 36.79
CA VAL E 203 -12.95 17.01 38.09
C VAL E 203 -14.26 16.22 38.28
N ASP E 204 -15.37 16.76 37.80
CA ASP E 204 -16.67 16.09 37.92
C ASP E 204 -16.72 14.67 37.32
N THR E 205 -15.88 14.39 36.32
CA THR E 205 -15.89 13.08 35.67
C THR E 205 -15.40 11.93 36.55
N LEU E 206 -14.75 12.25 37.66
CA LEU E 206 -14.22 11.19 38.52
C LEU E 206 -15.29 10.59 39.43
N SER E 207 -16.17 11.46 39.92
CA SER E 207 -17.19 11.03 40.85
C SER E 207 -18.45 10.48 40.22
N ILE E 208 -18.31 9.86 39.04
CA ILE E 208 -19.47 9.28 38.36
C ILE E 208 -19.19 7.86 37.91
N GLU E 209 -20.24 7.06 37.84
CA GLU E 209 -20.11 5.68 37.40
C GLU E 209 -19.48 5.69 36.01
N PHE E 210 -18.41 4.93 35.81
CA PHE E 210 -17.74 4.91 34.51
C PHE E 210 -18.67 4.46 33.39
N ASP E 211 -19.39 3.37 33.61
CA ASP E 211 -20.30 2.86 32.59
C ASP E 211 -21.43 3.86 32.27
N LYS E 212 -21.69 4.76 33.20
CA LYS E 212 -22.73 5.77 32.99
C LYS E 212 -22.18 6.84 32.05
N LEU E 213 -20.90 7.17 32.24
CA LEU E 213 -20.23 8.18 31.42
C LEU E 213 -20.00 7.56 30.04
N LYS E 214 -19.36 6.40 30.02
CA LYS E 214 -19.07 5.68 28.79
C LYS E 214 -20.35 5.46 28.00
N GLY E 215 -21.43 5.14 28.71
CA GLY E 215 -22.69 4.88 28.03
C GLY E 215 -23.26 6.12 27.38
N MET E 216 -22.94 7.27 27.93
CA MET E 216 -23.44 8.54 27.41
C MET E 216 -22.57 9.20 26.33
N ILE E 217 -21.26 9.26 26.55
CA ILE E 217 -20.38 9.90 25.56
C ILE E 217 -19.42 8.97 24.84
N GLY E 218 -19.53 7.67 25.06
CA GLY E 218 -18.61 6.73 24.42
C GLY E 218 -17.42 6.45 25.33
N GLU E 219 -16.86 5.26 25.17
CA GLU E 219 -15.71 4.80 25.94
C GLU E 219 -14.45 5.64 25.74
N ALA E 220 -14.14 5.98 24.49
CA ALA E 220 -12.93 6.74 24.20
C ALA E 220 -12.93 8.12 24.84
N LYS E 221 -14.00 8.88 24.66
CA LYS E 221 -14.04 10.21 25.25
C LYS E 221 -14.11 10.18 26.77
N ALA E 222 -14.79 9.18 27.32
CA ALA E 222 -14.91 9.04 28.77
C ALA E 222 -13.52 8.77 29.35
N LYS E 223 -12.79 7.82 28.77
CA LYS E 223 -11.45 7.50 29.27
C LYS E 223 -10.54 8.73 29.10
N TYR E 224 -10.71 9.43 27.99
CA TYR E 224 -9.92 10.63 27.70
C TYR E 224 -10.13 11.68 28.79
N LEU E 225 -11.38 12.00 29.09
CA LEU E 225 -11.66 13.01 30.08
C LEU E 225 -11.21 12.60 31.50
N ILE E 226 -11.39 11.34 31.85
CA ILE E 226 -10.96 10.85 33.16
C ILE E 226 -9.42 10.96 33.29
N SER E 227 -8.68 10.56 32.24
CA SER E 227 -7.23 10.66 32.28
C SER E 227 -6.82 12.11 32.51
N LEU E 228 -7.54 13.05 31.89
CA LEU E 228 -7.21 14.48 32.06
C LEU E 228 -7.56 14.88 33.49
N ALA E 229 -8.66 14.32 34.00
CA ALA E 229 -9.09 14.62 35.35
C ALA E 229 -8.13 14.05 36.39
N ARG E 230 -7.52 12.91 36.10
CA ARG E 230 -6.57 12.30 37.03
C ARG E 230 -5.21 12.93 36.80
N ASP E 231 -5.17 13.90 35.89
CA ASP E 231 -3.92 14.56 35.52
C ASP E 231 -2.96 13.46 35.12
N GLU E 232 -3.49 12.45 34.44
CA GLU E 232 -2.70 11.31 33.99
C GLU E 232 -2.73 11.19 32.46
N TYR E 233 -3.14 12.26 31.79
CA TYR E 233 -3.19 12.26 30.33
C TYR E 233 -1.80 12.29 29.73
N ASN E 234 -1.51 11.34 28.86
CA ASN E 234 -0.22 11.32 28.20
C ASN E 234 -0.36 10.81 26.76
N GLU E 235 0.12 11.62 25.83
CA GLU E 235 0.08 11.29 24.41
C GLU E 235 1.31 11.97 23.83
N PRO E 236 2.22 11.18 23.26
CA PRO E 236 3.42 11.76 22.68
C PRO E 236 3.17 12.58 21.43
N ILE E 237 4.09 13.50 21.16
CA ILE E 237 4.02 14.33 19.97
C ILE E 237 4.52 13.45 18.83
N ARG E 238 3.66 13.14 17.86
CA ARG E 238 4.10 12.30 16.76
C ARG E 238 3.77 12.92 15.41
N THR E 239 4.60 12.57 14.44
CA THR E 239 4.48 13.03 13.06
C THR E 239 3.09 12.69 12.53
N ARG E 240 2.37 13.67 12.01
CA ARG E 240 1.04 13.35 11.50
C ARG E 240 1.12 12.91 10.06
N VAL E 241 0.36 11.89 9.72
CA VAL E 241 0.30 11.40 8.36
C VAL E 241 -1.19 11.41 8.05
N ARG E 242 -1.58 12.12 7.00
CA ARG E 242 -3.00 12.13 6.66
C ARG E 242 -3.43 10.72 6.27
N LYS E 243 -4.59 10.30 6.76
CA LYS E 243 -5.05 8.96 6.43
C LYS E 243 -6.11 8.88 5.34
N SER E 244 -6.61 10.03 4.91
CA SER E 244 -7.61 10.04 3.85
C SER E 244 -7.59 11.39 3.20
N ILE E 245 -7.88 11.42 1.90
CA ILE E 245 -7.92 12.66 1.16
C ILE E 245 -9.14 12.58 0.27
N GLY E 246 -9.88 13.67 0.15
CA GLY E 246 -11.07 13.62 -0.67
C GLY E 246 -11.67 14.98 -0.93
N ARG E 247 -12.78 14.97 -1.66
CA ARG E 247 -13.46 16.20 -2.00
C ARG E 247 -14.95 15.90 -2.22
N ILE E 248 -15.79 16.77 -1.71
CA ILE E 248 -17.22 16.61 -1.85
C ILE E 248 -17.74 18.00 -2.27
N VAL E 249 -18.43 18.06 -3.39
CA VAL E 249 -18.93 19.33 -3.92
C VAL E 249 -20.45 19.50 -4.02
N THR E 250 -20.93 20.69 -3.67
CA THR E 250 -22.34 21.01 -3.75
C THR E 250 -22.72 21.13 -5.23
N MET E 251 -23.84 20.53 -5.62
CA MET E 251 -24.29 20.59 -7.00
C MET E 251 -25.15 21.81 -7.35
N LYS E 252 -25.38 22.00 -8.65
CA LYS E 252 -26.20 23.10 -9.13
C LYS E 252 -27.60 22.88 -8.57
N ARG E 253 -28.23 21.80 -9.02
CA ARG E 253 -29.56 21.45 -8.55
C ARG E 253 -29.62 19.99 -8.10
N ASN E 254 -30.26 19.78 -6.95
CA ASN E 254 -30.42 18.45 -6.37
C ASN E 254 -30.87 17.48 -7.45
N SER E 255 -30.52 16.21 -7.30
CA SER E 255 -30.89 15.22 -8.29
C SER E 255 -30.56 13.80 -7.91
N ARG E 256 -31.14 12.87 -8.65
CA ARG E 256 -30.86 11.47 -8.45
C ARG E 256 -30.73 10.83 -9.83
N ASN E 257 -30.30 11.66 -10.77
CA ASN E 257 -30.09 11.25 -12.15
C ASN E 257 -28.60 10.95 -12.30
N LEU E 258 -28.28 9.68 -12.51
CA LEU E 258 -26.89 9.25 -12.63
C LEU E 258 -26.07 10.07 -13.61
N GLU E 259 -26.56 10.19 -14.84
CA GLU E 259 -25.85 10.94 -15.87
C GLU E 259 -25.63 12.40 -15.51
N GLU E 260 -26.53 12.93 -14.68
CA GLU E 260 -26.42 14.32 -14.27
C GLU E 260 -25.45 14.51 -13.11
N ILE E 261 -25.18 13.45 -12.35
CA ILE E 261 -24.27 13.55 -11.21
C ILE E 261 -22.83 13.18 -11.55
N LYS E 262 -22.66 12.30 -12.53
CA LYS E 262 -21.33 11.89 -12.95
C LYS E 262 -20.33 13.05 -13.02
N PRO E 263 -20.66 14.11 -13.78
CA PRO E 263 -19.75 15.26 -13.89
C PRO E 263 -19.21 15.75 -12.55
N TYR E 264 -20.11 16.03 -11.62
CA TYR E 264 -19.70 16.48 -10.29
C TYR E 264 -18.80 15.46 -9.60
N LEU E 265 -19.19 14.19 -9.65
CA LEU E 265 -18.41 13.13 -9.03
C LEU E 265 -17.02 13.02 -9.66
N PHE E 266 -16.98 13.02 -10.99
CA PHE E 266 -15.69 12.92 -11.66
C PHE E 266 -14.84 14.15 -11.34
N ARG E 267 -15.51 15.27 -11.14
CA ARG E 267 -14.81 16.50 -10.80
C ARG E 267 -14.10 16.26 -9.45
N ALA E 268 -14.84 15.75 -8.48
CA ALA E 268 -14.28 15.49 -7.15
C ALA E 268 -13.15 14.47 -7.22
N ILE E 269 -13.25 13.53 -8.15
CA ILE E 269 -12.24 12.51 -8.31
C ILE E 269 -10.93 13.09 -8.85
N GLU E 270 -11.02 13.99 -9.82
CA GLU E 270 -9.84 14.61 -10.41
C GLU E 270 -9.17 15.52 -9.38
N GLU E 271 -9.95 16.28 -8.63
CA GLU E 271 -9.40 17.17 -7.62
C GLU E 271 -8.78 16.35 -6.49
N SER E 272 -9.37 15.19 -6.21
CA SER E 272 -8.85 14.31 -5.15
C SER E 272 -7.53 13.72 -5.58
N TYR E 273 -7.47 13.20 -6.81
CA TYR E 273 -6.23 12.58 -7.32
C TYR E 273 -5.09 13.57 -7.45
N TYR E 274 -5.43 14.85 -7.56
CA TYR E 274 -4.42 15.88 -7.64
C TYR E 274 -3.84 16.06 -6.23
N LYS E 275 -4.72 16.12 -5.24
CA LYS E 275 -4.24 16.30 -3.87
C LYS E 275 -3.48 15.09 -3.34
N LEU E 276 -3.78 13.90 -3.86
CA LEU E 276 -3.09 12.68 -3.44
C LEU E 276 -1.62 12.72 -3.81
N ASP E 277 -1.35 13.07 -5.08
CA ASP E 277 0.03 13.21 -5.57
C ASP E 277 1.02 12.15 -5.05
N LYS E 278 1.13 11.00 -5.73
CA LYS E 278 2.04 9.91 -5.32
C LYS E 278 1.41 8.93 -4.34
N ARG E 279 0.57 9.43 -3.44
CA ARG E 279 -0.10 8.54 -2.50
C ARG E 279 -1.04 7.65 -3.30
N ILE E 280 -1.00 6.35 -3.07
CA ILE E 280 -1.86 5.40 -3.79
C ILE E 280 -2.89 4.79 -2.86
N PRO E 281 -4.16 5.13 -3.05
CA PRO E 281 -5.24 4.59 -2.21
C PRO E 281 -5.73 3.18 -2.55
N LYS E 282 -6.01 2.40 -1.51
CA LYS E 282 -6.53 1.04 -1.68
C LYS E 282 -8.02 1.04 -1.36
N ALA E 283 -8.52 2.14 -0.81
CA ALA E 283 -9.95 2.25 -0.45
C ALA E 283 -10.58 3.52 -1.01
N ILE E 284 -11.87 3.41 -1.31
CA ILE E 284 -12.63 4.52 -1.86
C ILE E 284 -14.04 4.50 -1.30
N HIS E 285 -14.54 5.67 -0.94
CA HIS E 285 -15.90 5.82 -0.43
C HIS E 285 -16.54 6.94 -1.22
N VAL E 286 -17.79 6.76 -1.63
CA VAL E 286 -18.49 7.82 -2.33
C VAL E 286 -19.40 8.38 -1.26
N VAL E 287 -19.41 9.69 -1.13
CA VAL E 287 -20.23 10.31 -0.11
C VAL E 287 -21.27 11.24 -0.72
N ALA E 288 -22.51 11.08 -0.30
CA ALA E 288 -23.58 11.94 -0.78
C ALA E 288 -24.28 12.64 0.37
N VAL E 289 -24.61 13.91 0.15
CA VAL E 289 -25.33 14.69 1.13
C VAL E 289 -26.73 14.77 0.51
N THR E 290 -27.72 14.32 1.25
CA THR E 290 -29.08 14.31 0.75
C THR E 290 -29.69 15.70 0.68
N GLU E 291 -30.83 15.77 -0.01
CA GLU E 291 -31.59 17.00 -0.16
C GLU E 291 -31.90 17.62 1.21
N ASP E 292 -32.16 16.76 2.19
CA ASP E 292 -32.48 17.19 3.55
C ASP E 292 -31.25 17.27 4.47
N LEU E 293 -30.06 17.24 3.88
CA LEU E 293 -28.80 17.35 4.61
C LEU E 293 -28.34 16.13 5.39
N ASP E 294 -28.86 14.97 5.03
CA ASP E 294 -28.42 13.74 5.70
C ASP E 294 -27.16 13.36 4.91
N ILE E 295 -26.27 12.60 5.52
CA ILE E 295 -25.04 12.20 4.85
C ILE E 295 -24.98 10.69 4.80
N VAL E 296 -24.86 10.15 3.59
CA VAL E 296 -24.80 8.71 3.40
C VAL E 296 -23.61 8.36 2.50
N SER E 297 -23.04 7.18 2.67
CA SER E 297 -21.90 6.79 1.87
C SER E 297 -21.83 5.31 1.63
N ARG E 298 -21.09 4.94 0.58
CA ARG E 298 -20.88 3.56 0.22
C ARG E 298 -19.41 3.48 -0.17
N GLY E 299 -18.72 2.46 0.31
CA GLY E 299 -17.31 2.35 -0.01
C GLY E 299 -16.84 0.95 -0.30
N ARG E 300 -15.58 0.84 -0.72
CA ARG E 300 -14.99 -0.44 -1.02
C ARG E 300 -13.47 -0.44 -0.88
N THR E 301 -12.93 -1.56 -0.42
CA THR E 301 -11.50 -1.70 -0.23
C THR E 301 -10.98 -2.74 -1.22
N PHE E 302 -9.86 -2.43 -1.87
CA PHE E 302 -9.25 -3.32 -2.85
C PHE E 302 -7.92 -3.86 -2.30
N PRO E 303 -7.49 -5.04 -2.80
CA PRO E 303 -6.22 -5.67 -2.39
C PRO E 303 -5.00 -4.99 -2.95
N HIS E 304 -5.23 -3.97 -3.76
CA HIS E 304 -4.13 -3.25 -4.40
C HIS E 304 -4.48 -1.77 -4.52
N GLY E 305 -3.55 -1.00 -5.05
CA GLY E 305 -3.78 0.43 -5.25
C GLY E 305 -4.84 0.66 -6.30
N ILE E 306 -5.56 1.77 -6.20
CA ILE E 306 -6.63 2.08 -7.15
C ILE E 306 -6.15 3.08 -8.19
N SER E 307 -6.07 2.64 -9.44
CA SER E 307 -5.63 3.50 -10.53
C SER E 307 -6.79 4.46 -10.71
N LYS E 308 -6.57 5.59 -11.35
CA LYS E 308 -7.69 6.50 -11.52
C LYS E 308 -8.80 5.85 -12.36
N GLU E 309 -8.41 4.99 -13.29
CA GLU E 309 -9.42 4.32 -14.13
C GLU E 309 -10.30 3.48 -13.21
N THR E 310 -9.67 2.78 -12.27
CA THR E 310 -10.43 1.97 -11.34
C THR E 310 -11.35 2.90 -10.52
N ALA E 311 -10.81 4.02 -10.07
CA ALA E 311 -11.57 4.99 -9.26
C ALA E 311 -12.80 5.49 -10.01
N TYR E 312 -12.67 5.65 -11.31
CA TYR E 312 -13.76 6.14 -12.12
C TYR E 312 -14.89 5.14 -12.23
N SER E 313 -14.56 3.91 -12.60
CA SER E 313 -15.59 2.90 -12.72
C SER E 313 -16.20 2.54 -11.37
N GLU E 314 -15.35 2.44 -10.35
CA GLU E 314 -15.85 2.06 -9.04
C GLU E 314 -16.75 3.10 -8.39
N SER E 315 -16.41 4.38 -8.53
CA SER E 315 -17.22 5.43 -7.93
C SER E 315 -18.64 5.39 -8.48
N VAL E 316 -18.79 5.12 -9.77
CA VAL E 316 -20.13 5.04 -10.37
C VAL E 316 -20.90 3.90 -9.71
N LYS E 317 -20.25 2.75 -9.55
CA LYS E 317 -20.88 1.61 -8.90
C LYS E 317 -21.35 1.97 -7.50
N LEU E 318 -20.53 2.72 -6.76
CA LEU E 318 -20.88 3.10 -5.40
C LEU E 318 -22.01 4.13 -5.36
N LEU E 319 -21.97 5.08 -6.29
CA LEU E 319 -23.01 6.11 -6.35
C LEU E 319 -24.33 5.42 -6.74
N GLN E 320 -24.24 4.45 -7.65
CA GLN E 320 -25.43 3.72 -8.08
C GLN E 320 -26.05 3.04 -6.87
N LYS E 321 -25.20 2.46 -6.03
CA LYS E 321 -25.66 1.77 -4.83
C LYS E 321 -26.42 2.72 -3.91
N ILE E 322 -25.92 3.93 -3.74
CA ILE E 322 -26.60 4.91 -2.89
C ILE E 322 -27.94 5.26 -3.52
N LEU E 323 -27.91 5.62 -4.81
CA LEU E 323 -29.11 5.99 -5.55
C LEU E 323 -30.18 4.93 -5.35
N GLU E 324 -29.75 3.68 -5.39
CA GLU E 324 -30.64 2.55 -5.22
C GLU E 324 -31.11 2.30 -3.79
N GLU E 325 -30.22 2.43 -2.81
CA GLU E 325 -30.58 2.19 -1.42
C GLU E 325 -31.11 3.42 -0.69
N ASP E 326 -31.37 4.49 -1.42
CA ASP E 326 -31.90 5.70 -0.80
C ASP E 326 -32.75 6.49 -1.80
N GLU E 327 -34.03 6.66 -1.48
CA GLU E 327 -34.98 7.35 -2.35
C GLU E 327 -34.76 8.86 -2.50
N ARG E 328 -34.27 9.50 -1.44
CA ARG E 328 -34.06 10.95 -1.47
C ARG E 328 -33.16 11.45 -2.60
N LYS E 329 -33.23 12.76 -2.85
CA LYS E 329 -32.42 13.39 -3.89
C LYS E 329 -31.11 13.84 -3.29
N ILE E 330 -30.05 13.84 -4.11
CA ILE E 330 -28.74 14.23 -3.64
C ILE E 330 -28.44 15.71 -3.87
N ARG E 331 -27.97 16.37 -2.83
CA ARG E 331 -27.61 17.78 -2.88
C ARG E 331 -26.10 17.88 -3.16
N ARG E 332 -25.29 17.23 -2.32
CA ARG E 332 -23.84 17.25 -2.47
C ARG E 332 -23.26 15.85 -2.78
N ILE E 333 -22.20 15.80 -3.58
CA ILE E 333 -21.60 14.53 -3.94
C ILE E 333 -20.08 14.58 -3.94
N GLY E 334 -19.46 13.50 -3.49
CA GLY E 334 -18.02 13.50 -3.43
C GLY E 334 -17.42 12.14 -3.25
N VAL E 335 -16.10 12.14 -3.15
CA VAL E 335 -15.34 10.93 -3.02
C VAL E 335 -14.31 11.08 -1.92
N ARG E 336 -13.89 9.95 -1.37
CA ARG E 336 -12.95 9.91 -0.27
C ARG E 336 -12.01 8.72 -0.48
N PHE E 337 -10.70 8.98 -0.52
CA PHE E 337 -9.70 7.93 -0.70
C PHE E 337 -8.89 7.72 0.57
N SER E 338 -8.53 6.47 0.85
CA SER E 338 -7.76 6.14 2.05
C SER E 338 -7.00 4.83 1.88
N LYS E 339 -6.43 4.36 2.99
CA LYS E 339 -5.63 3.14 3.01
C LYS E 339 -4.53 3.23 1.97
N PHE E 340 -3.76 4.31 2.05
CA PHE E 340 -2.67 4.55 1.10
C PHE E 340 -1.56 3.49 1.22
N ILE E 341 -0.99 3.11 0.08
CA ILE E 341 0.07 2.12 0.05
C ILE E 341 1.32 2.63 0.77
N MET F 1 26.56 -24.73 7.78
CA MET F 1 26.46 -24.27 6.37
C MET F 1 25.87 -22.86 6.28
N ILE F 2 26.47 -22.00 5.47
CA ILE F 2 25.93 -20.65 5.27
C ILE F 2 25.49 -20.57 3.80
N VAL F 3 24.22 -20.23 3.58
CA VAL F 3 23.67 -20.15 2.21
C VAL F 3 23.30 -18.75 1.77
N LEU F 4 23.74 -18.38 0.57
CA LEU F 4 23.40 -17.08 0.00
C LEU F 4 22.59 -17.34 -1.26
N PHE F 5 21.35 -16.86 -1.26
CA PHE F 5 20.38 -17.03 -2.36
C PHE F 5 20.16 -15.71 -3.09
N VAL F 6 20.18 -15.75 -4.42
CA VAL F 6 20.01 -14.56 -5.23
C VAL F 6 18.75 -14.71 -6.10
N ASP F 7 17.85 -13.74 -6.00
CA ASP F 7 16.56 -13.74 -6.73
C ASP F 7 16.49 -12.44 -7.56
N PHE F 8 16.51 -12.53 -8.88
CA PHE F 8 16.47 -11.33 -9.72
C PHE F 8 15.10 -10.64 -9.58
N ASP F 9 15.08 -9.31 -9.42
CA ASP F 9 13.80 -8.61 -9.23
C ASP F 9 12.99 -8.44 -10.54
N TYR F 10 11.68 -8.73 -10.46
CA TYR F 10 10.73 -8.64 -11.59
C TYR F 10 11.49 -8.78 -12.88
N PHE F 11 12.22 -9.90 -12.94
CA PHE F 11 13.17 -10.13 -14.00
C PHE F 11 12.87 -9.84 -15.45
N TYR F 12 11.83 -10.45 -16.01
CA TYR F 12 11.57 -10.22 -17.43
C TYR F 12 11.32 -8.75 -17.72
N ALA F 13 10.51 -8.12 -16.86
CA ALA F 13 10.21 -6.70 -17.07
C ALA F 13 11.48 -5.88 -16.80
N GLN F 14 12.29 -6.29 -15.84
CA GLN F 14 13.51 -5.52 -15.59
C GLN F 14 14.46 -5.60 -16.79
N VAL F 15 14.50 -6.74 -17.48
CA VAL F 15 15.37 -6.84 -18.66
C VAL F 15 14.86 -5.94 -19.76
N GLU F 16 13.55 -5.86 -19.91
CA GLU F 16 13.01 -4.97 -20.93
C GLU F 16 13.39 -3.52 -20.58
N GLU F 17 13.40 -3.17 -19.29
CA GLU F 17 13.76 -1.79 -18.89
C GLU F 17 15.24 -1.57 -19.22
N VAL F 18 16.07 -2.57 -18.91
CA VAL F 18 17.50 -2.47 -19.19
C VAL F 18 17.73 -2.27 -20.69
N LEU F 19 16.96 -2.95 -21.52
CA LEU F 19 17.12 -2.81 -22.95
C LEU F 19 16.46 -1.53 -23.51
N ASN F 20 15.63 -0.89 -22.69
CA ASN F 20 14.93 0.33 -23.11
C ASN F 20 14.70 1.15 -21.85
N PRO F 21 15.76 1.83 -21.35
CA PRO F 21 15.79 2.68 -20.13
C PRO F 21 14.64 3.68 -19.94
N SER F 22 14.10 4.22 -21.03
CA SER F 22 13.00 5.17 -20.87
C SER F 22 11.77 4.53 -20.22
N LEU F 23 11.73 3.21 -20.19
CA LEU F 23 10.60 2.54 -19.56
C LEU F 23 10.62 2.64 -18.04
N LYS F 24 11.79 2.89 -17.45
CA LYS F 24 11.90 2.94 -15.99
C LYS F 24 10.93 3.91 -15.33
N GLY F 25 10.35 3.49 -14.21
CA GLY F 25 9.39 4.35 -13.52
C GLY F 25 7.99 4.26 -14.11
N LYS F 26 7.87 3.68 -15.31
CA LYS F 26 6.57 3.52 -15.94
C LYS F 26 6.09 2.10 -15.72
N PRO F 27 4.77 1.90 -15.68
CA PRO F 27 4.38 0.51 -15.47
C PRO F 27 4.77 -0.25 -16.74
N VAL F 28 5.38 -1.43 -16.56
CA VAL F 28 5.79 -2.28 -17.68
C VAL F 28 5.20 -3.68 -17.43
N VAL F 29 4.53 -4.22 -18.45
CA VAL F 29 3.84 -5.51 -18.34
C VAL F 29 4.27 -6.48 -19.44
N VAL F 30 4.95 -7.58 -19.08
CA VAL F 30 5.39 -8.56 -20.07
C VAL F 30 4.27 -9.60 -20.22
N CYS F 31 3.85 -9.81 -21.46
CA CYS F 31 2.74 -10.67 -21.76
C CYS F 31 2.99 -11.91 -22.57
N VAL F 32 2.16 -12.92 -22.30
CA VAL F 32 2.19 -14.17 -23.02
C VAL F 32 0.86 -14.22 -23.78
N PHE F 33 0.95 -13.93 -25.07
CA PHE F 33 -0.20 -13.90 -25.97
C PHE F 33 -0.52 -15.28 -26.50
N SER F 34 -1.76 -15.71 -26.33
CA SER F 34 -2.14 -17.06 -26.76
C SER F 34 -2.81 -17.23 -28.12
N GLY F 35 -3.16 -16.13 -28.78
CA GLY F 35 -3.74 -16.18 -30.11
C GLY F 35 -5.16 -16.68 -30.32
N ARG F 36 -5.95 -16.75 -29.26
CA ARG F 36 -7.33 -17.22 -29.41
C ARG F 36 -8.27 -16.06 -29.78
N PHE F 37 -7.82 -14.84 -29.51
CA PHE F 37 -8.57 -13.61 -29.82
C PHE F 37 -7.75 -12.42 -29.34
N GLU F 38 -8.10 -11.23 -29.81
CA GLU F 38 -7.37 -10.03 -29.44
C GLU F 38 -7.03 -9.95 -27.96
N ASP F 39 -5.73 -9.89 -27.66
CA ASP F 39 -5.25 -9.81 -26.30
C ASP F 39 -5.54 -11.03 -25.42
N SER F 40 -5.84 -12.15 -26.03
CA SER F 40 -6.06 -13.32 -25.20
C SER F 40 -4.69 -13.67 -24.63
N GLY F 41 -4.66 -14.07 -23.38
CA GLY F 41 -3.40 -14.45 -22.76
C GLY F 41 -3.30 -13.88 -21.38
N ALA F 42 -2.15 -14.06 -20.74
CA ALA F 42 -1.97 -13.57 -19.39
C ALA F 42 -0.63 -12.87 -19.22
N VAL F 43 -0.52 -12.12 -18.14
CA VAL F 43 0.68 -11.40 -17.83
C VAL F 43 1.68 -12.34 -17.20
N ALA F 44 2.87 -12.40 -17.80
CA ALA F 44 3.97 -13.25 -17.30
C ALA F 44 4.51 -12.55 -16.04
N THR F 45 4.76 -11.26 -16.15
CA THR F 45 5.22 -10.47 -15.00
C THR F 45 5.14 -8.98 -15.31
N ALA F 46 5.19 -8.14 -14.29
CA ALA F 46 5.13 -6.70 -14.51
C ALA F 46 6.05 -6.02 -13.49
N ASN F 47 6.51 -4.79 -13.75
CA ASN F 47 7.36 -4.16 -12.76
C ASN F 47 6.56 -3.72 -11.55
N TYR F 48 7.24 -3.25 -10.50
CA TYR F 48 6.51 -2.89 -9.30
C TYR F 48 5.55 -1.73 -9.50
N GLU F 49 5.84 -0.87 -10.46
CA GLU F 49 4.95 0.24 -10.76
C GLU F 49 3.61 -0.27 -11.26
N ALA F 50 3.60 -1.43 -11.92
CA ALA F 50 2.35 -1.99 -12.40
C ALA F 50 1.69 -2.75 -11.26
N ARG F 51 2.50 -3.47 -10.48
CA ARG F 51 1.99 -4.27 -9.38
C ARG F 51 1.27 -3.44 -8.33
N LYS F 52 1.69 -2.18 -8.18
CA LYS F 52 1.04 -1.32 -7.20
C LYS F 52 -0.45 -1.29 -7.46
N PHE F 53 -0.83 -1.43 -8.72
CA PHE F 53 -2.23 -1.38 -9.09
C PHE F 53 -2.91 -2.71 -9.37
N GLY F 54 -2.31 -3.81 -8.95
CA GLY F 54 -2.93 -5.10 -9.16
C GLY F 54 -2.56 -5.77 -10.47
N VAL F 55 -1.70 -5.14 -11.27
CA VAL F 55 -1.31 -5.78 -12.53
C VAL F 55 -0.06 -6.57 -12.19
N LYS F 56 -0.20 -7.88 -12.18
CA LYS F 56 0.87 -8.79 -11.79
C LYS F 56 0.80 -10.12 -12.55
N ALA F 57 1.82 -10.96 -12.33
CA ALA F 57 1.90 -12.29 -12.96
C ALA F 57 0.59 -13.05 -12.74
N GLY F 58 0.04 -13.61 -13.81
CA GLY F 58 -1.17 -14.41 -13.67
C GLY F 58 -2.49 -13.79 -14.06
N ILE F 59 -2.58 -12.46 -14.08
CA ILE F 59 -3.86 -11.89 -14.45
C ILE F 59 -3.99 -11.76 -15.96
N PRO F 60 -5.20 -11.97 -16.49
CA PRO F 60 -5.41 -11.88 -17.93
C PRO F 60 -4.96 -10.53 -18.46
N ILE F 61 -4.42 -10.52 -19.68
CA ILE F 61 -3.99 -9.29 -20.33
C ILE F 61 -5.16 -8.31 -20.44
N VAL F 62 -6.33 -8.84 -20.77
CA VAL F 62 -7.55 -8.03 -20.89
C VAL F 62 -7.88 -7.34 -19.58
N GLU F 63 -7.74 -8.05 -18.46
CA GLU F 63 -8.04 -7.45 -17.17
C GLU F 63 -6.98 -6.39 -16.83
N ALA F 64 -5.72 -6.68 -17.15
CA ALA F 64 -4.64 -5.73 -16.86
C ALA F 64 -4.91 -4.42 -17.58
N LYS F 65 -5.32 -4.53 -18.83
CA LYS F 65 -5.60 -3.34 -19.62
C LYS F 65 -6.77 -2.49 -19.12
N LYS F 66 -7.72 -3.11 -18.42
CA LYS F 66 -8.86 -2.39 -17.87
C LYS F 66 -8.31 -1.54 -16.71
N ILE F 67 -7.36 -2.12 -15.97
CA ILE F 67 -6.76 -1.46 -14.82
C ILE F 67 -5.76 -0.38 -15.24
N LEU F 68 -4.83 -0.75 -16.12
CA LEU F 68 -3.80 0.18 -16.56
C LEU F 68 -3.78 0.27 -18.09
N PRO F 69 -4.80 0.89 -18.66
CA PRO F 69 -4.88 1.02 -20.12
C PRO F 69 -3.70 1.67 -20.81
N ASN F 70 -2.99 2.56 -20.12
CA ASN F 70 -1.87 3.23 -20.75
C ASN F 70 -0.48 2.68 -20.42
N ALA F 71 -0.43 1.46 -19.87
CA ALA F 71 0.86 0.86 -19.51
C ALA F 71 1.60 0.42 -20.78
N VAL F 72 2.84 0.03 -20.63
CA VAL F 72 3.60 -0.47 -21.78
C VAL F 72 3.46 -1.99 -21.72
N TYR F 73 2.81 -2.55 -22.73
CA TYR F 73 2.57 -3.98 -22.81
C TYR F 73 3.56 -4.57 -23.81
N LEU F 74 4.39 -5.50 -23.36
CA LEU F 74 5.41 -6.12 -24.21
C LEU F 74 5.32 -7.65 -24.28
N PRO F 75 5.56 -8.23 -25.46
CA PRO F 75 5.52 -9.68 -25.62
C PRO F 75 6.72 -10.34 -24.93
N MET F 76 6.49 -11.47 -24.29
CA MET F 76 7.58 -12.15 -23.59
C MET F 76 8.69 -12.57 -24.57
N ARG F 77 9.93 -12.20 -24.28
CA ARG F 77 11.09 -12.56 -25.12
C ARG F 77 12.02 -13.46 -24.29
N LYS F 78 11.54 -14.66 -24.00
CA LYS F 78 12.23 -15.64 -23.18
C LYS F 78 13.73 -15.82 -23.52
N GLU F 79 14.04 -15.94 -24.81
CA GLU F 79 15.42 -16.10 -25.26
C GLU F 79 16.34 -15.01 -24.72
N VAL F 80 15.88 -13.77 -24.84
CA VAL F 80 16.66 -12.63 -24.39
C VAL F 80 16.91 -12.72 -22.91
N TYR F 81 15.84 -13.00 -22.16
CA TYR F 81 15.97 -13.07 -20.70
C TYR F 81 16.92 -14.18 -20.28
N GLN F 82 16.88 -15.29 -21.02
CA GLN F 82 17.73 -16.43 -20.70
C GLN F 82 19.20 -16.11 -20.92
N GLN F 83 19.51 -15.38 -21.98
CA GLN F 83 20.90 -15.02 -22.23
C GLN F 83 21.38 -14.06 -21.14
N VAL F 84 20.54 -13.08 -20.77
CA VAL F 84 20.96 -12.16 -19.71
C VAL F 84 21.16 -12.97 -18.42
N SER F 85 20.22 -13.86 -18.12
CA SER F 85 20.29 -14.69 -16.92
C SER F 85 21.60 -15.49 -16.88
N SER F 86 21.96 -16.08 -18.01
CA SER F 86 23.17 -16.89 -18.10
C SER F 86 24.42 -16.08 -17.79
N ARG F 87 24.44 -14.83 -18.25
CA ARG F 87 25.58 -13.98 -17.96
C ARG F 87 25.63 -13.69 -16.49
N ILE F 88 24.47 -13.46 -15.87
CA ILE F 88 24.44 -13.16 -14.43
C ILE F 88 24.85 -14.38 -13.64
N MET F 89 24.37 -15.56 -14.04
CA MET F 89 24.75 -16.77 -13.32
C MET F 89 26.29 -16.93 -13.35
N ASN F 90 26.92 -16.61 -14.47
CA ASN F 90 28.38 -16.72 -14.54
C ASN F 90 29.06 -15.77 -13.57
N LEU F 91 28.49 -14.59 -13.36
CA LEU F 91 29.07 -13.65 -12.41
C LEU F 91 29.03 -14.25 -11.00
N LEU F 92 27.96 -14.98 -10.70
CA LEU F 92 27.79 -15.62 -9.40
C LEU F 92 28.79 -16.75 -9.17
N ARG F 93 29.14 -17.48 -10.23
CA ARG F 93 30.07 -18.59 -10.12
C ARG F 93 31.41 -18.09 -9.57
N GLU F 94 31.70 -16.81 -9.77
CA GLU F 94 32.96 -16.26 -9.31
C GLU F 94 32.99 -16.12 -7.78
N TYR F 95 31.84 -16.27 -7.15
CA TYR F 95 31.77 -16.14 -5.70
C TYR F 95 31.71 -17.47 -4.96
N SER F 96 31.43 -18.55 -5.69
CA SER F 96 31.37 -19.87 -5.09
C SER F 96 31.29 -20.97 -6.13
N GLU F 97 32.05 -22.05 -5.95
CA GLU F 97 32.04 -23.18 -6.89
C GLU F 97 30.77 -23.98 -6.66
N LYS F 98 30.27 -23.88 -5.43
CA LYS F 98 29.08 -24.60 -5.05
C LYS F 98 27.87 -23.71 -5.28
N ILE F 99 27.30 -23.80 -6.48
CA ILE F 99 26.15 -23.00 -6.88
C ILE F 99 25.03 -23.89 -7.44
N GLU F 100 23.79 -23.55 -7.11
CA GLU F 100 22.63 -24.30 -7.58
C GLU F 100 21.68 -23.31 -8.25
N ILE F 101 21.57 -23.44 -9.57
CA ILE F 101 20.69 -22.59 -10.34
C ILE F 101 19.33 -23.26 -10.29
N ALA F 102 18.39 -22.64 -9.58
CA ALA F 102 17.06 -23.22 -9.43
C ALA F 102 16.06 -22.82 -10.52
N SER F 103 16.33 -21.72 -11.22
CA SER F 103 15.47 -21.26 -12.31
C SER F 103 16.16 -20.13 -13.05
N ILE F 104 15.44 -19.53 -13.99
CA ILE F 104 16.02 -18.45 -14.76
C ILE F 104 16.44 -17.23 -13.91
N ASP F 105 15.84 -17.07 -12.73
CA ASP F 105 16.19 -15.90 -11.92
C ASP F 105 16.48 -16.21 -10.46
N GLU F 106 16.92 -17.44 -10.19
CA GLU F 106 17.22 -17.87 -8.82
C GLU F 106 18.43 -18.79 -8.75
N ALA F 107 19.31 -18.53 -7.78
CA ALA F 107 20.49 -19.37 -7.59
C ALA F 107 20.91 -19.38 -6.13
N TYR F 108 21.29 -20.55 -5.64
CA TYR F 108 21.75 -20.71 -4.25
C TYR F 108 23.26 -20.90 -4.30
N LEU F 109 23.97 -20.25 -3.37
CA LEU F 109 25.44 -20.36 -3.28
C LEU F 109 25.82 -20.83 -1.89
N ASP F 110 26.58 -21.92 -1.80
CA ASP F 110 27.04 -22.41 -0.49
C ASP F 110 28.32 -21.61 -0.26
N ILE F 111 28.27 -20.60 0.60
CA ILE F 111 29.47 -19.79 0.84
C ILE F 111 30.14 -20.09 2.18
N SER F 112 29.84 -21.27 2.73
CA SER F 112 30.40 -21.70 3.99
C SER F 112 31.93 -21.51 4.04
N ASP F 113 32.63 -21.93 2.98
CA ASP F 113 34.08 -21.83 2.92
C ASP F 113 34.59 -20.45 2.49
N LYS F 114 33.66 -19.51 2.25
CA LYS F 114 34.06 -18.18 1.79
C LYS F 114 33.94 -17.10 2.83
N VAL F 115 33.09 -17.34 3.84
CA VAL F 115 32.90 -16.35 4.90
C VAL F 115 32.88 -17.03 6.27
N ARG F 116 33.20 -16.26 7.30
CA ARG F 116 33.26 -16.81 8.65
C ARG F 116 31.97 -16.67 9.45
N ASP F 117 31.24 -15.60 9.23
CA ASP F 117 29.99 -15.37 9.95
C ASP F 117 28.98 -14.67 9.05
N TYR F 118 27.82 -14.34 9.62
CA TYR F 118 26.79 -13.67 8.84
C TYR F 118 27.17 -12.24 8.45
N ARG F 119 28.00 -11.57 9.25
CA ARG F 119 28.38 -10.21 8.91
C ARG F 119 29.15 -10.22 7.60
N GLU F 120 30.07 -11.16 7.47
CA GLU F 120 30.85 -11.28 6.25
C GLU F 120 29.95 -11.72 5.10
N ALA F 121 29.00 -12.61 5.41
CA ALA F 121 28.04 -13.11 4.41
C ALA F 121 27.31 -11.91 3.84
N TYR F 122 26.79 -11.09 4.74
CA TYR F 122 26.07 -9.87 4.37
C TYR F 122 26.91 -9.01 3.46
N ASN F 123 28.17 -8.80 3.81
CA ASN F 123 29.06 -7.97 3.00
C ASN F 123 29.26 -8.56 1.61
N LEU F 124 29.38 -9.88 1.54
CA LEU F 124 29.54 -10.54 0.26
C LEU F 124 28.25 -10.28 -0.54
N GLY F 125 27.12 -10.33 0.14
CA GLY F 125 25.85 -10.07 -0.51
C GLY F 125 25.82 -8.69 -1.16
N LEU F 126 26.36 -7.68 -0.48
CA LEU F 126 26.38 -6.35 -1.05
C LEU F 126 27.29 -6.34 -2.24
N GLU F 127 28.41 -7.03 -2.12
CA GLU F 127 29.39 -7.10 -3.19
C GLU F 127 28.76 -7.73 -4.42
N ILE F 128 27.99 -8.80 -4.22
CA ILE F 128 27.34 -9.47 -5.36
C ILE F 128 26.31 -8.53 -5.99
N LYS F 129 25.53 -7.86 -5.16
CA LYS F 129 24.53 -6.95 -5.69
C LYS F 129 25.15 -5.86 -6.52
N ASN F 130 26.26 -5.28 -6.04
CA ASN F 130 26.94 -4.21 -6.77
C ASN F 130 27.50 -4.69 -8.07
N LYS F 131 28.08 -5.89 -8.05
CA LYS F 131 28.68 -6.48 -9.25
C LYS F 131 27.63 -6.68 -10.35
N ILE F 132 26.51 -7.28 -10.00
CA ILE F 132 25.45 -7.54 -10.98
C ILE F 132 24.89 -6.24 -11.53
N LEU F 133 24.68 -5.25 -10.66
CA LEU F 133 24.17 -3.96 -11.08
C LEU F 133 25.19 -3.32 -12.01
N GLU F 134 26.46 -3.42 -11.63
CA GLU F 134 27.52 -2.83 -12.43
C GLU F 134 27.64 -3.42 -13.82
N LYS F 135 27.69 -4.75 -13.89
CA LYS F 135 27.85 -5.43 -15.17
C LYS F 135 26.60 -5.56 -16.03
N GLU F 136 25.45 -5.76 -15.41
CA GLU F 136 24.23 -5.97 -16.18
C GLU F 136 23.09 -4.99 -15.91
N LYS F 137 23.27 -4.13 -14.91
CA LYS F 137 22.27 -3.12 -14.59
C LYS F 137 20.99 -3.77 -14.06
N ILE F 138 21.14 -4.93 -13.44
CA ILE F 138 20.01 -5.65 -12.90
C ILE F 138 20.05 -5.66 -11.36
N THR F 139 18.94 -5.29 -10.72
CA THR F 139 18.89 -5.36 -9.26
C THR F 139 18.34 -6.73 -8.85
N VAL F 140 18.85 -7.24 -7.73
CA VAL F 140 18.48 -8.53 -7.22
C VAL F 140 18.23 -8.40 -5.74
N THR F 141 17.68 -9.45 -5.14
CA THR F 141 17.44 -9.48 -3.72
C THR F 141 18.20 -10.69 -3.21
N VAL F 142 19.01 -10.47 -2.17
CA VAL F 142 19.81 -11.52 -1.58
C VAL F 142 19.27 -12.00 -0.25
N GLY F 143 19.21 -13.32 -0.09
CA GLY F 143 18.73 -13.91 1.15
C GLY F 143 19.84 -14.78 1.75
N ILE F 144 20.07 -14.65 3.05
CA ILE F 144 21.14 -15.42 3.68
C ILE F 144 20.66 -16.14 4.92
N SER F 145 20.96 -17.43 5.01
CA SER F 145 20.60 -18.19 6.21
C SER F 145 21.39 -19.50 6.33
N LYS F 146 20.94 -20.37 7.22
CA LYS F 146 21.63 -21.65 7.47
C LYS F 146 21.29 -22.77 6.49
N ASN F 147 20.27 -22.55 5.66
CA ASN F 147 19.92 -23.55 4.65
C ASN F 147 19.21 -22.90 3.48
N LYS F 148 18.95 -23.67 2.43
CA LYS F 148 18.31 -23.12 1.25
C LYS F 148 16.90 -22.55 1.50
N VAL F 149 16.07 -23.31 2.21
CA VAL F 149 14.71 -22.85 2.50
C VAL F 149 14.70 -21.48 3.20
N PHE F 150 15.43 -21.31 4.28
CA PHE F 150 15.40 -20.01 4.94
C PHE F 150 16.11 -18.92 4.15
N ALA F 151 17.06 -19.28 3.30
CA ALA F 151 17.70 -18.26 2.49
C ALA F 151 16.63 -17.73 1.53
N LYS F 152 15.79 -18.62 0.99
CA LYS F 152 14.75 -18.17 0.05
C LYS F 152 13.76 -17.30 0.80
N ILE F 153 13.30 -17.78 1.95
CA ILE F 153 12.38 -17.00 2.78
C ILE F 153 13.00 -15.62 3.04
N ALA F 154 14.27 -15.57 3.41
CA ALA F 154 14.90 -14.26 3.66
C ALA F 154 14.70 -13.32 2.46
N ALA F 155 14.96 -13.81 1.25
CA ALA F 155 14.81 -13.00 0.05
C ALA F 155 13.34 -12.62 -0.15
N ASP F 156 12.43 -13.56 0.08
CA ASP F 156 11.01 -13.24 -0.06
C ASP F 156 10.69 -12.02 0.84
N MET F 157 11.21 -12.02 2.06
CA MET F 157 10.94 -10.93 2.98
C MET F 157 11.57 -9.61 2.59
N ALA F 158 12.68 -9.68 1.84
CA ALA F 158 13.40 -8.47 1.49
C ALA F 158 13.18 -7.88 0.10
N LYS F 159 12.61 -8.63 -0.84
CA LYS F 159 12.44 -8.08 -2.19
C LYS F 159 11.49 -6.89 -2.24
N PRO F 160 11.71 -5.96 -3.18
CA PRO F 160 12.77 -5.96 -4.18
C PRO F 160 14.02 -5.20 -3.75
N ASN F 161 15.11 -5.42 -4.49
CA ASN F 161 16.39 -4.79 -4.25
C ASN F 161 16.75 -4.78 -2.78
N GLY F 162 16.68 -5.94 -2.15
CA GLY F 162 17.02 -6.05 -0.74
C GLY F 162 18.10 -7.06 -0.47
N ILE F 163 18.38 -7.23 0.82
CA ILE F 163 19.37 -8.18 1.29
C ILE F 163 18.99 -8.38 2.73
N LYS F 164 18.88 -9.64 3.14
CA LYS F 164 18.51 -9.94 4.49
C LYS F 164 19.12 -11.23 5.01
N VAL F 165 19.52 -11.21 6.28
CA VAL F 165 20.10 -12.36 6.91
C VAL F 165 19.05 -12.85 7.88
N ILE F 166 18.98 -14.16 8.07
CA ILE F 166 18.06 -14.76 9.03
C ILE F 166 18.97 -15.62 9.92
N ASP F 167 19.47 -15.04 11.01
CA ASP F 167 20.36 -15.75 11.92
C ASP F 167 19.65 -16.94 12.56
N ASP F 168 20.38 -17.73 13.35
CA ASP F 168 19.79 -18.90 13.97
C ASP F 168 18.63 -18.59 14.92
N GLU F 169 18.67 -17.43 15.57
CA GLU F 169 17.59 -17.08 16.48
C GLU F 169 16.34 -16.79 15.66
N GLU F 170 16.48 -16.03 14.58
CA GLU F 170 15.32 -15.72 13.76
C GLU F 170 14.73 -16.99 13.14
N VAL F 171 15.57 -17.98 12.83
CA VAL F 171 15.07 -19.24 12.28
C VAL F 171 14.14 -19.88 13.31
N LYS F 172 14.56 -19.86 14.58
CA LYS F 172 13.74 -20.42 15.65
C LYS F 172 12.43 -19.63 15.74
N ARG F 173 12.51 -18.31 15.65
CA ARG F 173 11.29 -17.52 15.71
C ARG F 173 10.35 -17.90 14.55
N LEU F 174 10.87 -17.84 13.32
CA LEU F 174 10.04 -18.15 12.15
C LEU F 174 9.38 -19.52 12.25
N ILE F 175 10.07 -20.49 12.84
CA ILE F 175 9.50 -21.81 12.97
C ILE F 175 8.21 -21.76 13.80
N ARG F 176 8.07 -20.69 14.59
CA ARG F 176 6.87 -20.51 15.42
C ARG F 176 5.91 -19.51 14.82
N GLU F 177 6.43 -18.43 14.26
CA GLU F 177 5.58 -17.38 13.73
C GLU F 177 5.34 -17.27 12.21
N LEU F 178 6.19 -17.88 11.39
CA LEU F 178 5.98 -17.76 9.94
C LEU F 178 4.79 -18.59 9.47
N ASP F 179 3.91 -17.97 8.69
CA ASP F 179 2.73 -18.62 8.11
C ASP F 179 3.29 -19.78 7.28
N ILE F 180 2.88 -21.00 7.58
CA ILE F 180 3.39 -22.16 6.88
C ILE F 180 3.12 -22.14 5.36
N ALA F 181 2.14 -21.35 4.93
CA ALA F 181 1.82 -21.24 3.52
C ALA F 181 2.94 -20.51 2.81
N ASP F 182 3.79 -19.79 3.55
CA ASP F 182 4.89 -19.05 2.93
C ASP F 182 6.17 -19.87 2.84
N VAL F 183 6.10 -21.13 3.21
CA VAL F 183 7.27 -22.01 3.13
C VAL F 183 7.39 -22.53 1.70
N PRO F 184 8.55 -22.36 1.06
CA PRO F 184 8.71 -22.84 -0.31
C PRO F 184 8.24 -24.30 -0.50
N GLY F 185 7.45 -24.53 -1.53
CA GLY F 185 6.97 -25.87 -1.82
C GLY F 185 5.58 -26.14 -1.28
N ILE F 186 5.07 -25.21 -0.48
CA ILE F 186 3.73 -25.36 0.05
C ILE F 186 2.83 -24.45 -0.79
N GLY F 187 2.18 -25.05 -1.77
CA GLY F 187 1.33 -24.27 -2.65
C GLY F 187 -0.08 -24.15 -2.11
N ASN F 188 -0.97 -23.62 -2.93
CA ASN F 188 -2.35 -23.44 -2.53
C ASN F 188 -3.01 -24.73 -2.10
N ILE F 189 -2.79 -25.81 -2.84
CA ILE F 189 -3.41 -27.05 -2.47
C ILE F 189 -2.91 -27.60 -1.14
N THR F 190 -1.60 -27.56 -0.92
CA THR F 190 -1.08 -28.07 0.34
C THR F 190 -1.42 -27.12 1.51
N ALA F 191 -1.36 -25.82 1.30
CA ALA F 191 -1.68 -24.89 2.37
C ALA F 191 -3.08 -25.19 2.91
N GLU F 192 -4.01 -25.41 1.98
CA GLU F 192 -5.40 -25.68 2.35
C GLU F 192 -5.51 -27.01 3.09
N LYS F 193 -4.82 -28.04 2.64
CA LYS F 193 -4.90 -29.32 3.34
C LYS F 193 -4.35 -29.14 4.75
N LEU F 194 -3.30 -28.34 4.91
CA LEU F 194 -2.69 -28.11 6.21
C LEU F 194 -3.61 -27.27 7.09
N LYS F 195 -4.28 -26.29 6.48
CA LYS F 195 -5.21 -25.43 7.18
C LYS F 195 -6.32 -26.29 7.77
N LYS F 196 -6.81 -27.25 6.99
CA LYS F 196 -7.88 -28.12 7.44
C LYS F 196 -7.46 -29.06 8.56
N LEU F 197 -6.21 -28.92 9.01
CA LEU F 197 -5.68 -29.74 10.10
C LEU F 197 -5.27 -28.82 11.25
N GLY F 198 -5.59 -27.54 11.13
CA GLY F 198 -5.23 -26.61 12.19
C GLY F 198 -3.74 -26.31 12.26
N ILE F 199 -3.05 -26.55 11.15
CA ILE F 199 -1.62 -26.28 11.06
C ILE F 199 -1.38 -24.98 10.29
N ASN F 200 -0.83 -23.99 10.95
CA ASN F 200 -0.57 -22.68 10.34
C ASN F 200 0.88 -22.27 10.49
N LYS F 201 1.63 -23.06 11.25
CA LYS F 201 3.03 -22.74 11.49
C LYS F 201 3.87 -24.00 11.45
N LEU F 202 5.15 -23.86 11.11
CA LEU F 202 6.01 -25.06 11.04
C LEU F 202 5.93 -25.85 12.36
N VAL F 203 6.13 -25.15 13.48
CA VAL F 203 6.08 -25.80 14.79
C VAL F 203 4.86 -26.71 14.97
N ASP F 204 3.72 -26.36 14.37
CA ASP F 204 2.51 -27.16 14.52
C ASP F 204 2.62 -28.57 13.96
N THR F 205 3.51 -28.79 12.99
CA THR F 205 3.64 -30.11 12.38
C THR F 205 4.20 -31.17 13.32
N LEU F 206 4.85 -30.73 14.39
CA LEU F 206 5.43 -31.67 15.33
C LEU F 206 4.38 -32.32 16.24
N SER F 207 3.42 -31.53 16.69
CA SER F 207 2.39 -32.03 17.59
C SER F 207 1.21 -32.72 16.91
N ILE F 208 1.47 -33.42 15.81
CA ILE F 208 0.41 -34.12 15.11
C ILE F 208 0.87 -35.53 14.75
N GLU F 209 -0.08 -36.45 14.67
CA GLU F 209 0.19 -37.83 14.31
C GLU F 209 0.87 -37.77 12.93
N PHE F 210 2.00 -38.43 12.79
CA PHE F 210 2.71 -38.42 11.50
C PHE F 210 1.88 -38.98 10.35
N ASP F 211 1.23 -40.12 10.57
CA ASP F 211 0.42 -40.74 9.52
C ASP F 211 -0.80 -39.88 9.16
N LYS F 212 -1.21 -39.01 10.08
CA LYS F 212 -2.36 -38.15 9.82
C LYS F 212 -1.84 -37.09 8.83
N LEU F 213 -0.64 -36.58 9.08
CA LEU F 213 -0.02 -35.57 8.22
C LEU F 213 0.32 -36.20 6.87
N LYS F 214 1.06 -37.29 6.91
CA LYS F 214 1.45 -38.01 5.71
C LYS F 214 0.23 -38.42 4.91
N GLY F 215 -0.81 -38.83 5.61
CA GLY F 215 -2.02 -39.23 4.91
C GLY F 215 -2.70 -38.08 4.21
N MET F 216 -2.46 -36.86 4.71
CA MET F 216 -3.09 -35.68 4.14
C MET F 216 -2.26 -34.97 3.04
N ILE F 217 -0.96 -34.78 3.28
CA ILE F 217 -0.13 -34.09 2.31
C ILE F 217 0.96 -34.93 1.65
N GLY F 218 0.98 -36.22 1.98
CA GLY F 218 1.99 -37.06 1.38
C GLY F 218 3.24 -37.15 2.25
N GLU F 219 3.91 -38.28 2.13
CA GLU F 219 5.10 -38.57 2.89
C GLU F 219 6.27 -37.61 2.72
N ALA F 220 6.57 -37.26 1.47
CA ALA F 220 7.69 -36.36 1.23
C ALA F 220 7.47 -34.96 1.80
N LYS F 221 6.29 -34.36 1.61
CA LYS F 221 6.09 -33.02 2.16
C LYS F 221 6.04 -33.07 3.68
N ALA F 222 5.40 -34.09 4.24
CA ALA F 222 5.33 -34.23 5.69
C ALA F 222 6.74 -34.29 6.28
N LYS F 223 7.59 -35.12 5.70
CA LYS F 223 8.96 -35.26 6.19
C LYS F 223 9.74 -33.98 6.02
N TYR F 224 9.45 -33.28 4.93
CA TYR F 224 10.10 -32.02 4.63
C TYR F 224 9.75 -30.96 5.68
N LEU F 225 8.47 -30.82 5.98
CA LEU F 225 8.03 -29.80 6.95
C LEU F 225 8.51 -30.14 8.38
N ILE F 226 8.47 -31.41 8.74
CA ILE F 226 8.93 -31.81 10.06
C ILE F 226 10.43 -31.54 10.22
N SER F 227 11.20 -31.83 9.16
CA SER F 227 12.65 -31.62 9.21
C SER F 227 12.95 -30.15 9.38
N LEU F 228 12.14 -29.30 8.76
CA LEU F 228 12.30 -27.87 8.89
C LEU F 228 11.89 -27.46 10.32
N ALA F 229 10.80 -28.05 10.82
CA ALA F 229 10.30 -27.73 12.16
C ALA F 229 11.32 -28.15 13.23
N ARG F 230 12.01 -29.26 12.99
CA ARG F 230 13.02 -29.75 13.93
C ARG F 230 14.34 -29.05 13.69
N ASP F 231 14.38 -28.23 12.66
CA ASP F 231 15.58 -27.50 12.26
C ASP F 231 16.73 -28.45 11.92
N GLU F 232 16.38 -29.55 11.25
CA GLU F 232 17.35 -30.55 10.81
C GLU F 232 17.51 -30.52 9.27
N TYR F 233 16.70 -29.71 8.60
CA TYR F 233 16.80 -29.59 7.14
C TYR F 233 18.18 -29.04 6.82
N ASN F 234 18.97 -29.75 6.02
CA ASN F 234 20.33 -29.25 5.72
C ASN F 234 20.78 -29.62 4.30
N GLU F 235 19.81 -29.80 3.39
CA GLU F 235 20.07 -30.18 2.01
C GLU F 235 21.21 -29.42 1.34
N PRO F 236 22.15 -30.17 0.72
CA PRO F 236 23.28 -29.50 0.08
C PRO F 236 22.92 -28.78 -1.23
N ILE F 237 23.71 -27.77 -1.54
CA ILE F 237 23.56 -27.03 -2.78
C ILE F 237 24.09 -28.01 -3.83
N ARG F 238 23.25 -28.38 -4.79
CA ARG F 238 23.68 -29.31 -5.82
C ARG F 238 23.40 -28.79 -7.22
N THR F 239 24.23 -29.19 -8.17
CA THR F 239 24.08 -28.77 -9.56
C THR F 239 22.82 -29.42 -10.14
N ARG F 240 21.96 -28.60 -10.74
CA ARG F 240 20.74 -29.14 -11.31
C ARG F 240 20.96 -29.46 -12.77
N VAL F 241 20.51 -30.63 -13.20
CA VAL F 241 20.67 -31.00 -14.59
C VAL F 241 19.32 -31.03 -15.30
N ARG F 242 19.25 -30.46 -16.51
CA ARG F 242 18.00 -30.47 -17.24
C ARG F 242 17.62 -31.88 -17.62
N LYS F 243 16.40 -32.28 -17.27
CA LYS F 243 15.91 -33.63 -17.55
C LYS F 243 14.84 -33.76 -18.66
N SER F 244 14.26 -32.64 -19.10
CA SER F 244 13.29 -32.69 -20.18
C SER F 244 13.23 -31.38 -20.90
N ILE F 245 12.83 -31.44 -22.17
CA ILE F 245 12.72 -30.27 -23.03
C ILE F 245 11.46 -30.48 -23.87
N GLY F 246 10.58 -29.49 -23.90
CA GLY F 246 9.38 -29.65 -24.69
C GLY F 246 8.68 -28.33 -24.85
N ARG F 247 7.60 -28.33 -25.62
CA ARG F 247 6.80 -27.12 -25.82
C ARG F 247 5.33 -27.53 -25.99
N ILE F 248 4.44 -26.73 -25.45
CA ILE F 248 3.02 -26.99 -25.55
C ILE F 248 2.45 -25.67 -26.00
N VAL F 249 1.58 -25.70 -27.01
CA VAL F 249 1.01 -24.47 -27.51
C VAL F 249 -0.53 -24.47 -27.39
N THR F 250 -1.11 -23.27 -27.31
CA THR F 250 -2.56 -23.12 -27.18
C THR F 250 -3.17 -23.03 -28.56
N MET F 251 -4.14 -23.88 -28.85
CA MET F 251 -4.79 -23.83 -30.15
C MET F 251 -5.80 -22.68 -30.20
N LYS F 252 -6.01 -22.16 -31.41
CA LYS F 252 -6.93 -21.08 -31.64
C LYS F 252 -8.35 -21.43 -31.15
N ARG F 253 -8.79 -22.64 -31.45
CA ARG F 253 -10.10 -23.13 -31.04
C ARG F 253 -9.90 -24.56 -30.55
N ASN F 254 -10.69 -25.00 -29.58
CA ASN F 254 -10.55 -26.35 -29.07
C ASN F 254 -10.92 -27.37 -30.13
N SER F 255 -10.38 -28.58 -30.04
CA SER F 255 -10.66 -29.61 -31.05
C SER F 255 -10.29 -31.04 -30.66
N ARG F 256 -10.89 -32.01 -31.37
CA ARG F 256 -10.53 -33.41 -31.16
C ARG F 256 -10.40 -34.06 -32.53
N ASN F 257 -10.21 -33.19 -33.53
CA ASN F 257 -10.03 -33.58 -34.92
C ASN F 257 -8.54 -33.69 -35.22
N LEU F 258 -8.08 -34.90 -35.49
CA LEU F 258 -6.66 -35.13 -35.76
C LEU F 258 -5.98 -34.18 -36.72
N GLU F 259 -6.57 -33.97 -37.88
CA GLU F 259 -5.95 -33.11 -38.87
C GLU F 259 -5.86 -31.65 -38.48
N GLU F 260 -6.76 -31.21 -37.62
CA GLU F 260 -6.75 -29.83 -37.19
C GLU F 260 -5.69 -29.62 -36.10
N ILE F 261 -5.43 -30.67 -35.33
CA ILE F 261 -4.46 -30.60 -34.25
C ILE F 261 -2.99 -30.76 -34.72
N LYS F 262 -2.80 -31.51 -35.80
CA LYS F 262 -1.48 -31.79 -36.34
C LYS F 262 -0.51 -30.64 -36.50
N PRO F 263 -0.90 -29.56 -37.19
CA PRO F 263 -0.02 -28.40 -37.37
C PRO F 263 0.53 -27.84 -36.06
N TYR F 264 -0.30 -27.82 -35.02
CA TYR F 264 0.15 -27.30 -33.73
C TYR F 264 1.14 -28.28 -33.12
N LEU F 265 0.79 -29.56 -33.20
CA LEU F 265 1.63 -30.61 -32.66
C LEU F 265 2.98 -30.60 -33.32
N PHE F 266 3.00 -30.46 -34.64
CA PHE F 266 4.26 -30.47 -35.35
C PHE F 266 5.08 -29.20 -35.08
N ARG F 267 4.40 -28.09 -34.85
CA ARG F 267 5.09 -26.83 -34.56
C ARG F 267 5.82 -27.03 -33.22
N ALA F 268 5.11 -27.60 -32.25
CA ALA F 268 5.67 -27.86 -30.94
C ALA F 268 6.90 -28.75 -31.08
N ILE F 269 6.81 -29.74 -31.96
CA ILE F 269 7.92 -30.67 -32.19
C ILE F 269 9.13 -29.94 -32.80
N GLU F 270 8.87 -29.03 -33.72
CA GLU F 270 9.97 -28.30 -34.36
C GLU F 270 10.69 -27.44 -33.34
N GLU F 271 9.96 -26.68 -32.55
CA GLU F 271 10.59 -25.85 -31.53
C GLU F 271 11.34 -26.69 -30.50
N SER F 272 10.76 -27.81 -30.07
CA SER F 272 11.42 -28.67 -29.08
C SER F 272 12.75 -29.17 -29.59
N TYR F 273 12.76 -29.65 -30.84
CA TYR F 273 14.00 -30.15 -31.45
C TYR F 273 15.04 -29.06 -31.61
N TYR F 274 14.59 -27.86 -31.95
CA TYR F 274 15.53 -26.77 -32.07
C TYR F 274 16.18 -26.63 -30.69
N LYS F 275 15.33 -26.61 -29.65
CA LYS F 275 15.80 -26.47 -28.28
C LYS F 275 16.62 -27.61 -27.69
N LEU F 276 16.46 -28.83 -28.23
CA LEU F 276 17.23 -29.95 -27.74
C LEU F 276 18.73 -29.79 -28.07
N ASP F 277 19.02 -29.17 -29.23
CA ASP F 277 20.41 -28.89 -29.65
C ASP F 277 21.44 -29.91 -29.15
N LYS F 278 21.76 -30.90 -29.97
CA LYS F 278 22.75 -31.94 -29.60
C LYS F 278 22.21 -33.00 -28.66
N ARG F 279 21.31 -32.62 -27.74
CA ARG F 279 20.77 -33.63 -26.81
C ARG F 279 19.85 -34.57 -27.55
N ILE F 280 20.04 -35.87 -27.33
CA ILE F 280 19.23 -36.88 -27.99
C ILE F 280 18.31 -37.60 -27.01
N PRO F 281 17.00 -37.33 -27.08
CA PRO F 281 16.06 -37.97 -26.17
C PRO F 281 15.67 -39.38 -26.60
N LYS F 282 15.41 -40.25 -25.62
CA LYS F 282 14.98 -41.61 -25.89
C LYS F 282 13.49 -41.73 -25.59
N ALA F 283 12.92 -40.71 -24.94
CA ALA F 283 11.49 -40.73 -24.64
C ALA F 283 10.77 -39.50 -25.14
N ILE F 284 9.56 -39.71 -25.61
CA ILE F 284 8.72 -38.63 -26.09
C ILE F 284 7.33 -38.75 -25.44
N HIS F 285 6.78 -37.62 -25.01
CA HIS F 285 5.44 -37.59 -24.43
C HIS F 285 4.64 -36.57 -25.19
N VAL F 286 3.39 -36.91 -25.52
CA VAL F 286 2.52 -35.96 -26.17
C VAL F 286 1.65 -35.49 -25.02
N VAL F 287 1.54 -34.17 -24.84
CA VAL F 287 0.76 -33.65 -23.71
C VAL F 287 -0.37 -32.78 -24.19
N ALA F 288 -1.57 -33.09 -23.72
CA ALA F 288 -2.75 -32.33 -24.10
C ALA F 288 -3.38 -31.75 -22.86
N VAL F 289 -3.90 -30.54 -23.00
CA VAL F 289 -4.62 -29.89 -21.90
C VAL F 289 -6.01 -29.75 -22.50
N THR F 290 -6.98 -30.39 -21.87
CA THR F 290 -8.35 -30.40 -22.33
C THR F 290 -9.03 -29.04 -22.17
N GLU F 291 -10.22 -28.92 -22.78
CA GLU F 291 -11.01 -27.69 -22.72
C GLU F 291 -11.27 -27.26 -21.27
N ASP F 292 -11.43 -28.20 -20.36
CA ASP F 292 -11.67 -27.86 -18.95
C ASP F 292 -10.37 -27.86 -18.16
N LEU F 293 -9.28 -27.68 -18.89
CA LEU F 293 -7.95 -27.59 -18.32
C LEU F 293 -7.40 -28.79 -17.56
N ASP F 294 -7.80 -29.99 -17.95
CA ASP F 294 -7.29 -31.20 -17.36
C ASP F 294 -6.06 -31.53 -18.20
N ILE F 295 -5.09 -32.23 -17.62
CA ILE F 295 -3.89 -32.63 -18.35
C ILE F 295 -3.99 -34.11 -18.73
N VAL F 296 -3.73 -34.43 -19.98
CA VAL F 296 -3.73 -35.82 -20.44
C VAL F 296 -2.47 -36.05 -21.26
N SER F 297 -1.65 -37.03 -20.89
CA SER F 297 -0.45 -37.30 -21.66
C SER F 297 -0.22 -38.78 -21.92
N ARG F 298 0.42 -39.08 -23.04
CA ARG F 298 0.76 -40.45 -23.38
C ARG F 298 2.18 -40.41 -23.93
N GLY F 299 3.03 -41.30 -23.46
CA GLY F 299 4.38 -41.25 -23.97
C GLY F 299 4.96 -42.59 -24.36
N ARG F 300 6.14 -42.51 -24.95
CA ARG F 300 6.83 -43.72 -25.34
C ARG F 300 8.33 -43.60 -25.13
N THR F 301 8.92 -44.68 -24.62
CA THR F 301 10.36 -44.75 -24.42
C THR F 301 10.93 -45.77 -25.43
N PHE F 302 11.96 -45.37 -26.15
CA PHE F 302 12.60 -46.22 -27.15
C PHE F 302 13.94 -46.71 -26.59
N PRO F 303 14.43 -47.84 -27.10
CA PRO F 303 15.72 -48.31 -26.59
C PRO F 303 16.82 -47.58 -27.34
N HIS F 304 16.46 -46.49 -28.01
CA HIS F 304 17.43 -45.70 -28.77
C HIS F 304 16.96 -44.24 -28.84
N GLY F 305 17.78 -43.37 -29.43
CA GLY F 305 17.42 -41.98 -29.57
C GLY F 305 16.30 -41.77 -30.59
N ILE F 306 15.65 -40.62 -30.54
CA ILE F 306 14.50 -40.35 -31.41
C ILE F 306 14.86 -39.32 -32.46
N SER F 307 14.80 -39.70 -33.73
CA SER F 307 15.08 -38.75 -34.79
C SER F 307 13.85 -37.86 -34.87
N LYS F 308 13.99 -36.67 -35.46
CA LYS F 308 12.84 -35.79 -35.57
C LYS F 308 11.72 -36.53 -36.33
N GLU F 309 12.10 -37.35 -37.30
CA GLU F 309 11.12 -38.07 -38.10
C GLU F 309 10.33 -39.06 -37.25
N THR F 310 11.02 -39.75 -36.35
CA THR F 310 10.35 -40.69 -35.43
C THR F 310 9.44 -39.88 -34.49
N ALA F 311 9.89 -38.69 -34.10
CA ALA F 311 9.09 -37.81 -33.23
C ALA F 311 7.76 -37.50 -33.93
N TYR F 312 7.84 -37.17 -35.21
CA TYR F 312 6.66 -36.83 -36.00
C TYR F 312 5.71 -38.02 -36.04
N SER F 313 6.25 -39.17 -36.44
CA SER F 313 5.43 -40.36 -36.54
C SER F 313 4.91 -40.86 -35.19
N GLU F 314 5.76 -40.96 -34.18
CA GLU F 314 5.28 -41.46 -32.89
C GLU F 314 4.32 -40.47 -32.21
N SER F 315 4.51 -39.17 -32.40
CA SER F 315 3.60 -38.22 -31.73
C SER F 315 2.16 -38.38 -32.23
N VAL F 316 2.00 -38.65 -33.52
CA VAL F 316 0.65 -38.82 -34.08
C VAL F 316 -0.02 -40.05 -33.47
N LYS F 317 0.75 -41.12 -33.28
CA LYS F 317 0.21 -42.35 -32.67
C LYS F 317 -0.19 -42.07 -31.21
N LEU F 318 0.66 -41.34 -30.48
CA LEU F 318 0.35 -41.04 -29.09
C LEU F 318 -0.89 -40.16 -29.00
N LEU F 319 -0.97 -39.18 -29.88
CA LEU F 319 -2.12 -38.28 -29.89
C LEU F 319 -3.42 -39.04 -30.21
N GLN F 320 -3.33 -40.06 -31.05
CA GLN F 320 -4.54 -40.84 -31.38
C GLN F 320 -4.96 -41.67 -30.19
N LYS F 321 -4.00 -42.16 -29.42
CA LYS F 321 -4.33 -42.93 -28.23
C LYS F 321 -5.10 -41.98 -27.25
N ILE F 322 -4.60 -40.76 -27.10
CA ILE F 322 -5.21 -39.76 -26.23
C ILE F 322 -6.65 -39.49 -26.67
N LEU F 323 -6.84 -39.23 -27.97
CA LEU F 323 -8.18 -38.98 -28.50
C LEU F 323 -9.11 -40.20 -28.33
N GLU F 324 -8.54 -41.39 -28.31
CA GLU F 324 -9.30 -42.63 -28.13
C GLU F 324 -9.75 -42.83 -26.70
N GLU F 325 -8.80 -42.66 -25.79
CA GLU F 325 -9.02 -42.88 -24.37
C GLU F 325 -9.68 -41.75 -23.57
N ASP F 326 -9.84 -40.60 -24.20
CA ASP F 326 -10.46 -39.43 -23.54
C ASP F 326 -11.33 -38.70 -24.55
N GLU F 327 -12.60 -38.52 -24.23
CA GLU F 327 -13.55 -37.88 -25.14
C GLU F 327 -13.59 -36.35 -25.20
N ARG F 328 -12.95 -35.69 -24.25
CA ARG F 328 -12.97 -34.22 -24.25
C ARG F 328 -12.24 -33.55 -25.41
N LYS F 329 -12.57 -32.28 -25.64
CA LYS F 329 -11.94 -31.50 -26.69
C LYS F 329 -10.60 -31.00 -26.15
N ILE F 330 -9.65 -30.83 -27.03
CA ILE F 330 -8.32 -30.38 -26.61
C ILE F 330 -8.13 -28.87 -26.79
N ARG F 331 -7.52 -28.22 -25.79
CA ARG F 331 -7.24 -26.78 -25.83
C ARG F 331 -5.74 -26.53 -26.16
N ARG F 332 -4.85 -27.19 -25.42
CA ARG F 332 -3.41 -27.04 -25.66
C ARG F 332 -2.84 -28.39 -26.07
N ILE F 333 -1.83 -28.38 -26.93
CA ILE F 333 -1.22 -29.64 -27.38
C ILE F 333 0.29 -29.43 -27.53
N GLY F 334 1.07 -30.43 -27.17
CA GLY F 334 2.50 -30.26 -27.33
C GLY F 334 3.19 -31.54 -27.04
N VAL F 335 4.52 -31.45 -26.94
CA VAL F 335 5.34 -32.61 -26.68
C VAL F 335 6.44 -32.28 -25.66
N ARG F 336 6.98 -33.32 -25.05
CA ARG F 336 8.05 -33.16 -24.08
C ARG F 336 8.98 -34.34 -24.31
N PHE F 337 10.28 -34.08 -24.40
CA PHE F 337 11.29 -35.13 -24.63
C PHE F 337 12.16 -35.39 -23.39
N SER F 338 12.46 -36.65 -23.09
CA SER F 338 13.28 -36.91 -21.92
C SER F 338 14.22 -38.10 -22.12
N LYS F 339 14.89 -38.50 -21.03
CA LYS F 339 15.83 -39.61 -21.05
C LYS F 339 16.90 -39.46 -22.12
N PHE F 340 17.65 -38.36 -22.02
CA PHE F 340 18.70 -38.05 -22.99
C PHE F 340 19.85 -39.00 -22.94
N ILE F 341 20.44 -39.28 -24.10
CA ILE F 341 21.56 -40.19 -24.18
C ILE F 341 22.77 -39.56 -23.49
CA CA G . -27.43 10.43 9.35
NA NA H . -13.14 -21.53 -23.49
C1 EDO I . 6.50 -18.48 -18.08
O1 EDO I . 8.05 -18.28 -18.01
C2 EDO I . 5.88 -18.45 -19.50
O2 EDO I . 6.62 -19.49 -20.40
CA CA J . -5.73 29.76 14.44
CA CA K . -7.35 26.29 13.52
PG ATP L . -9.36 31.40 13.51
O1G ATP L . -8.56 32.49 14.10
O2G ATP L . -8.68 30.92 12.37
O3G ATP L . -10.83 31.83 13.22
PB ATP L . -8.94 28.93 15.38
O1B ATP L . -9.71 29.06 16.68
O2B ATP L . -7.47 28.84 15.35
O3B ATP L . -9.57 30.11 14.49
PA ATP L . -10.67 26.59 15.25
O1A ATP L . -9.80 25.54 15.95
O2A ATP L . -11.75 27.01 16.05
O3A ATP L . -9.69 27.77 14.61
O5' ATP L . -11.19 25.94 14.08
C5' ATP L . -11.95 26.79 13.16
C4' ATP L . -11.64 26.36 11.71
O4' ATP L . -12.31 25.11 11.66
C3' ATP L . -12.26 27.15 10.53
C2' ATP L . -12.58 26.03 9.56
C1' ATP L . -12.91 24.83 10.46
N9 ATP L . -14.37 24.68 10.62
C8 ATP L . -15.26 24.45 9.62
N7 ATP L . -16.50 24.35 9.98
C5 ATP L . -16.45 24.54 11.31
C6 ATP L . -17.49 24.57 12.33
N6 ATP L . -18.76 24.39 12.04
N1 ATP L . -17.10 24.79 13.63
C2 ATP L . -15.81 24.98 13.93
N3 ATP L . -14.76 24.97 13.06
C4 ATP L . -15.16 24.75 11.77
CA CA M . 12.46 -12.94 -9.21
CA CA N . 2.65 -20.55 -0.66
PG ATP O . 9.63 -10.91 -8.08
O1G ATP O . 10.38 -11.46 -6.98
O2G ATP O . 10.28 -9.71 -8.39
O3G ATP O . 8.12 -10.79 -7.75
PB ATP O . 9.83 -12.03 -10.91
O1B ATP O . 11.21 -12.34 -11.44
O2B ATP O . 9.11 -10.97 -11.50
O3B ATP O . 9.96 -11.85 -9.35
PA ATP O . 7.63 -13.91 -10.29
O1A ATP O . 7.98 -14.42 -8.91
O2A ATP O . 6.44 -13.09 -10.29
O3A ATP O . 8.93 -13.32 -11.07
O5' ATP O . 7.38 -15.05 -11.20
C5' ATP O . 7.21 -14.62 -12.61
C4' ATP O . 7.96 -15.53 -13.61
O4' ATP O . 7.20 -16.76 -13.57
C3' ATP O . 7.94 -15.11 -15.09
C2' ATP O . 6.83 -15.88 -15.72
C1' ATP O . 6.47 -17.01 -14.76
N9 ATP O . 5.01 -16.95 -14.49
C8 ATP O . 4.01 -16.99 -15.43
N7 ATP O . 2.80 -16.91 -14.95
C5 ATP O . 3.01 -16.81 -13.61
C6 ATP O . 2.13 -16.69 -12.48
N6 ATP O . 0.83 -16.65 -12.62
N1 ATP O . 2.66 -16.61 -11.22
C2 ATP O . 4.00 -16.64 -11.07
N3 ATP O . 4.92 -16.75 -12.06
C4 ATP O . 4.36 -16.83 -13.28
#